data_2BTY
#
_entry.id   2BTY
#
_cell.length_a   94.998
_cell.length_b   207.709
_cell.length_c   117.996
_cell.angle_alpha   90.00
_cell.angle_beta   90.00
_cell.angle_gamma   90.00
#
_symmetry.space_group_name_H-M   'C 2 2 21'
#
loop_
_entity.id
_entity.type
_entity.pdbx_description
1 polymer 'ACETYLGLUTAMATE KINASE'
2 non-polymer ARGININE
3 non-polymer N-ACETYL-L-GLUTAMATE
4 non-polymer 'POTASSIUM ION'
5 water water
#
_entity_poly.entity_id   1
_entity_poly.type   'polypeptide(L)'
_entity_poly.pdbx_seq_one_letter_code
;MRIDTVNVLLEALPYIKEFYGKTFVIKFGGSAMKQENAKKAFIQDIILLKYTGIKPIIVHGGGPAISQMMKDLGIEPVFK
NGHRVTDEKTMEIVEMVLVGKINKEIVMNLNLHGGRAVGICGKDSKLIVAEKETKHGDIGYVGKVKKVNPEILHALIEND
YIPVIAPVGIGEDGHSYNINADTAAAEIAKSLMAEKLILLTDVDGVLKDGKLISTLTPDEAEELIRDGTVTGGMIPKVEC
AVSAVRGGVGAVHIINGGLEHAILLEIFSRKGIGTMIKELEG
;
_entity_poly.pdbx_strand_id   A,B,C
#
# COMPACT_ATOMS: atom_id res chain seq x y z
N MET A 1 1.39 -31.11 -0.42
CA MET A 1 0.41 -32.13 0.06
C MET A 1 -0.34 -31.60 1.28
N ARG A 2 -1.67 -31.62 1.21
CA ARG A 2 -2.55 -31.14 2.28
C ARG A 2 -1.88 -31.02 3.66
N ILE A 3 -1.29 -32.11 4.14
CA ILE A 3 -0.64 -32.13 5.44
C ILE A 3 0.30 -30.94 5.68
N ASP A 4 1.03 -30.54 4.63
CA ASP A 4 1.95 -29.40 4.72
C ASP A 4 1.16 -28.09 4.80
N THR A 5 0.30 -27.87 3.82
CA THR A 5 -0.53 -26.67 3.78
C THR A 5 -1.19 -26.38 5.12
N VAL A 6 -1.71 -27.39 5.79
CA VAL A 6 -2.35 -27.19 7.07
C VAL A 6 -1.36 -26.74 8.14
N ASN A 7 -0.24 -27.43 8.26
CA ASN A 7 0.75 -27.09 9.27
C ASN A 7 1.30 -25.67 9.13
N VAL A 8 1.57 -25.26 7.89
CA VAL A 8 2.14 -23.93 7.64
C VAL A 8 1.17 -22.80 7.95
N LEU A 9 -0.11 -23.05 7.69
CA LEU A 9 -1.15 -22.08 7.94
C LEU A 9 -1.52 -21.97 9.42
N LEU A 10 -1.55 -23.09 10.12
CA LEU A 10 -1.88 -23.04 11.53
C LEU A 10 -0.81 -22.28 12.27
N GLU A 11 0.36 -22.17 11.64
CA GLU A 11 1.49 -21.50 12.26
C GLU A 11 1.69 -20.07 11.77
N ALA A 12 1.23 -19.76 10.57
CA ALA A 12 1.36 -18.43 10.01
C ALA A 12 0.19 -17.52 10.40
N LEU A 13 -1.04 -17.99 10.18
CA LEU A 13 -2.24 -17.20 10.45
C LEU A 13 -2.19 -16.47 11.78
N PRO A 14 -1.74 -17.14 12.85
CA PRO A 14 -1.70 -16.43 14.12
C PRO A 14 -0.80 -15.18 14.05
N TYR A 15 0.27 -15.23 13.28
CA TYR A 15 1.17 -14.07 13.17
C TYR A 15 0.55 -12.97 12.34
N ILE A 16 -0.30 -13.33 11.39
CA ILE A 16 -0.98 -12.34 10.58
C ILE A 16 -1.85 -11.50 11.50
N LYS A 17 -2.45 -12.16 12.50
CA LYS A 17 -3.31 -11.48 13.45
C LYS A 17 -2.56 -10.47 14.31
N GLU A 18 -1.46 -10.91 14.91
CA GLU A 18 -0.72 -10.01 15.78
C GLU A 18 0.09 -8.93 15.10
N PHE A 19 0.42 -9.11 13.83
CA PHE A 19 1.21 -8.11 13.14
C PHE A 19 0.41 -7.13 12.33
N TYR A 20 -0.90 -7.37 12.23
CA TYR A 20 -1.76 -6.49 11.45
C TYR A 20 -1.64 -5.05 11.96
N GLY A 21 -1.46 -4.11 11.04
CA GLY A 21 -1.34 -2.70 11.39
C GLY A 21 0.00 -2.26 11.99
N LYS A 22 0.88 -3.21 12.27
CA LYS A 22 2.19 -2.90 12.85
C LYS A 22 3.19 -2.38 11.81
N THR A 23 4.26 -1.72 12.27
CA THR A 23 5.28 -1.20 11.36
C THR A 23 6.59 -2.01 11.42
N PHE A 24 7.17 -2.29 10.26
CA PHE A 24 8.44 -3.03 10.19
C PHE A 24 9.47 -2.18 9.45
N VAL A 25 10.51 -1.74 10.15
CA VAL A 25 11.56 -0.98 9.50
C VAL A 25 12.57 -2.03 8.99
N ILE A 26 12.80 -2.09 7.68
CA ILE A 26 13.72 -3.06 7.10
C ILE A 26 14.94 -2.41 6.45
N LYS A 27 16.13 -2.81 6.89
CA LYS A 27 17.35 -2.28 6.32
C LYS A 27 17.78 -3.24 5.24
N PHE A 28 17.80 -2.71 4.03
CA PHE A 28 18.15 -3.45 2.82
C PHE A 28 19.64 -3.25 2.54
N GLY A 29 20.42 -4.30 2.80
CA GLY A 29 21.86 -4.27 2.62
C GLY A 29 22.44 -4.56 1.24
N GLY A 30 23.58 -5.24 1.21
CA GLY A 30 24.25 -5.52 -0.05
C GLY A 30 23.98 -6.85 -0.69
N SER A 31 23.89 -7.91 0.11
CA SER A 31 23.64 -9.23 -0.45
C SER A 31 22.29 -9.34 -1.18
N ALA A 32 21.21 -9.11 -0.44
CA ALA A 32 19.86 -9.21 -1.00
C ALA A 32 19.64 -8.26 -2.18
N MET A 33 20.57 -7.33 -2.37
CA MET A 33 20.51 -6.36 -3.47
C MET A 33 21.47 -6.77 -4.60
N LYS A 34 22.30 -7.79 -4.34
CA LYS A 34 23.29 -8.26 -5.30
C LYS A 34 22.80 -9.38 -6.23
N GLN A 35 22.19 -10.42 -5.68
CA GLN A 35 21.69 -11.51 -6.53
C GLN A 35 20.24 -11.27 -6.94
N GLU A 36 20.03 -11.28 -8.26
CA GLU A 36 18.70 -11.05 -8.82
C GLU A 36 17.64 -11.94 -8.19
N ASN A 37 18.05 -13.11 -7.74
CA ASN A 37 17.11 -14.04 -7.17
C ASN A 37 16.72 -13.81 -5.74
N ALA A 38 17.61 -13.20 -4.97
CA ALA A 38 17.29 -12.88 -3.58
C ALA A 38 16.53 -11.59 -3.66
N LYS A 39 16.94 -10.73 -4.59
CA LYS A 39 16.31 -9.43 -4.78
C LYS A 39 14.87 -9.58 -5.29
N LYS A 40 14.63 -10.59 -6.10
CA LYS A 40 13.28 -10.80 -6.61
C LYS A 40 12.37 -11.30 -5.50
N ALA A 41 12.93 -12.15 -4.64
CA ALA A 41 12.14 -12.71 -3.55
C ALA A 41 11.95 -11.68 -2.43
N PHE A 42 12.79 -10.64 -2.42
CA PHE A 42 12.72 -9.59 -1.42
C PHE A 42 11.56 -8.65 -1.70
N ILE A 43 11.46 -8.25 -2.96
CA ILE A 43 10.38 -7.37 -3.39
C ILE A 43 9.11 -8.14 -3.13
N GLN A 44 9.10 -9.39 -3.52
CA GLN A 44 7.96 -10.25 -3.32
C GLN A 44 7.53 -10.27 -1.83
N ASP A 45 8.51 -10.25 -0.92
CA ASP A 45 8.20 -10.29 0.51
C ASP A 45 7.64 -9.00 1.07
N ILE A 46 8.12 -7.86 0.57
CA ILE A 46 7.63 -6.60 1.04
C ILE A 46 6.16 -6.49 0.65
N ILE A 47 5.88 -6.89 -0.59
CA ILE A 47 4.52 -6.88 -1.11
C ILE A 47 3.61 -7.77 -0.25
N LEU A 48 4.09 -8.96 0.13
CA LEU A 48 3.27 -9.85 0.95
C LEU A 48 3.05 -9.28 2.35
N LEU A 49 4.02 -8.53 2.85
CA LEU A 49 3.88 -7.94 4.18
C LEU A 49 2.75 -6.92 4.08
N LYS A 50 2.77 -6.15 2.99
CA LYS A 50 1.76 -5.14 2.75
C LYS A 50 0.40 -5.82 2.66
N TYR A 51 0.28 -6.90 1.89
CA TYR A 51 -1.00 -7.60 1.74
C TYR A 51 -1.53 -8.22 3.03
N THR A 52 -0.69 -8.40 4.03
CA THR A 52 -1.16 -8.99 5.26
C THR A 52 -1.51 -7.92 6.27
N GLY A 53 -1.34 -6.66 5.87
CA GLY A 53 -1.66 -5.56 6.76
C GLY A 53 -0.50 -5.00 7.57
N ILE A 54 0.74 -5.35 7.22
CA ILE A 54 1.90 -4.85 7.94
C ILE A 54 2.38 -3.59 7.19
N LYS A 55 2.91 -2.62 7.91
CA LYS A 55 3.35 -1.34 7.30
C LYS A 55 4.87 -1.29 7.18
N PRO A 56 5.42 -1.82 6.08
CA PRO A 56 6.88 -1.81 5.91
C PRO A 56 7.48 -0.47 5.59
N ILE A 57 8.71 -0.28 6.06
CA ILE A 57 9.49 0.92 5.81
C ILE A 57 10.89 0.45 5.43
N ILE A 58 11.37 0.89 4.27
CA ILE A 58 12.67 0.47 3.78
C ILE A 58 13.76 1.53 3.83
N VAL A 59 14.92 1.11 4.33
CA VAL A 59 16.11 1.94 4.42
C VAL A 59 17.21 1.12 3.74
N HIS A 60 17.79 1.66 2.67
CA HIS A 60 18.80 0.95 1.91
C HIS A 60 20.17 1.58 2.04
N GLY A 61 21.19 0.83 1.63
CA GLY A 61 22.55 1.32 1.66
C GLY A 61 23.02 1.76 0.28
N GLY A 62 24.30 1.50 -0.03
CA GLY A 62 24.85 1.87 -1.32
C GLY A 62 25.91 0.88 -1.79
N GLY A 63 27.18 1.16 -1.46
CA GLY A 63 28.26 0.26 -1.82
C GLY A 63 28.89 0.39 -3.20
N PRO A 64 28.80 -0.66 -4.04
CA PRO A 64 29.35 -0.73 -5.41
C PRO A 64 28.97 0.43 -6.32
N ALA A 65 27.69 0.77 -6.34
CA ALA A 65 27.22 1.85 -7.18
C ALA A 65 28.00 3.14 -6.91
N ILE A 66 28.22 3.45 -5.64
CA ILE A 66 28.95 4.67 -5.27
C ILE A 66 30.41 4.64 -5.73
N SER A 67 31.14 3.58 -5.35
CA SER A 67 32.54 3.42 -5.75
C SER A 67 32.72 3.57 -7.25
N GLN A 68 31.89 2.88 -8.01
CA GLN A 68 31.99 2.94 -9.47
C GLN A 68 31.85 4.36 -9.96
N MET A 69 30.95 5.12 -9.33
CA MET A 69 30.75 6.50 -9.73
C MET A 69 32.06 7.24 -9.43
N MET A 70 32.69 6.90 -8.30
CA MET A 70 33.96 7.49 -7.89
C MET A 70 35.01 7.29 -8.99
N LYS A 71 35.18 6.02 -9.37
CA LYS A 71 36.15 5.68 -10.40
C LYS A 71 35.83 6.30 -11.76
N ASP A 72 34.56 6.24 -12.16
CA ASP A 72 34.19 6.82 -13.45
C ASP A 72 34.28 8.34 -13.40
N LEU A 73 34.53 8.89 -12.23
CA LEU A 73 34.58 10.34 -12.11
C LEU A 73 35.96 10.91 -11.81
N GLY A 74 36.94 10.03 -11.63
CA GLY A 74 38.28 10.49 -11.35
C GLY A 74 38.47 11.14 -9.99
N ILE A 75 37.55 10.87 -9.06
CA ILE A 75 37.64 11.42 -7.71
C ILE A 75 38.51 10.49 -6.86
N GLU A 76 39.56 11.08 -6.28
CA GLU A 76 40.53 10.34 -5.47
C GLU A 76 40.29 10.44 -3.97
N PRO A 77 40.31 9.29 -3.27
CA PRO A 77 40.09 9.29 -1.82
C PRO A 77 41.01 10.27 -1.07
N VAL A 78 40.67 10.54 0.19
CA VAL A 78 41.45 11.45 1.02
C VAL A 78 41.39 10.95 2.47
N PHE A 79 42.49 11.05 3.22
CA PHE A 79 42.53 10.60 4.60
C PHE A 79 42.88 11.76 5.55
N LYS A 80 42.22 11.81 6.69
CA LYS A 80 42.47 12.86 7.72
C LYS A 80 42.63 12.10 9.03
N ASN A 81 43.14 10.90 8.71
CA ASN A 81 43.50 9.67 9.42
C ASN A 81 42.79 9.29 10.71
N GLY A 82 42.13 8.20 10.46
CA GLY A 82 41.30 7.36 11.25
C GLY A 82 40.64 6.50 10.19
N HIS A 83 40.57 7.04 8.99
CA HIS A 83 39.88 6.36 7.89
C HIS A 83 39.42 7.31 6.83
N ARG A 84 38.78 6.75 5.81
CA ARG A 84 38.25 7.47 4.66
C ARG A 84 37.62 8.77 5.14
N VAL A 85 37.43 9.67 4.16
CA VAL A 85 36.92 10.99 4.46
C VAL A 85 35.90 11.50 3.46
N THR A 86 34.67 11.70 3.89
CA THR A 86 33.66 12.20 2.97
C THR A 86 33.84 13.70 2.87
N ASP A 87 34.41 14.15 1.75
CA ASP A 87 34.64 15.57 1.54
C ASP A 87 33.51 16.19 0.71
N GLU A 88 33.58 17.50 0.53
CA GLU A 88 32.58 18.25 -0.23
C GLU A 88 32.12 17.49 -1.47
N LYS A 89 33.03 17.31 -2.41
CA LYS A 89 32.71 16.63 -3.66
C LYS A 89 32.32 15.17 -3.48
N THR A 90 32.93 14.48 -2.52
CA THR A 90 32.60 13.07 -2.32
C THR A 90 31.16 12.93 -1.89
N MET A 91 30.73 13.79 -0.97
CA MET A 91 29.37 13.78 -0.46
C MET A 91 28.37 13.93 -1.61
N GLU A 92 28.59 14.94 -2.45
CA GLU A 92 27.71 15.21 -3.58
C GLU A 92 27.54 14.03 -4.52
N ILE A 93 28.57 13.21 -4.67
CA ILE A 93 28.46 12.05 -5.55
C ILE A 93 27.73 10.94 -4.80
N VAL A 94 27.93 10.89 -3.49
CA VAL A 94 27.27 9.90 -2.64
C VAL A 94 25.77 10.18 -2.59
N GLU A 95 25.44 11.44 -2.39
CA GLU A 95 24.06 11.89 -2.32
C GLU A 95 23.36 11.65 -3.64
N MET A 96 24.09 11.86 -4.73
CA MET A 96 23.57 11.68 -6.06
C MET A 96 23.38 10.21 -6.46
N VAL A 97 24.22 9.32 -5.95
CA VAL A 97 24.06 7.91 -6.30
C VAL A 97 23.04 7.24 -5.40
N LEU A 98 23.00 7.65 -4.13
CA LEU A 98 22.03 7.10 -3.20
C LEU A 98 20.62 7.56 -3.54
N VAL A 99 20.44 8.87 -3.64
CA VAL A 99 19.13 9.46 -3.96
C VAL A 99 18.71 9.28 -5.41
N GLY A 100 19.54 9.72 -6.34
CA GLY A 100 19.20 9.64 -7.75
C GLY A 100 19.21 8.30 -8.47
N LYS A 101 19.84 7.27 -7.90
CA LYS A 101 19.88 6.00 -8.60
C LYS A 101 19.44 4.80 -7.80
N ILE A 102 20.10 4.57 -6.67
CA ILE A 102 19.77 3.41 -5.86
C ILE A 102 18.34 3.46 -5.33
N ASN A 103 18.01 4.57 -4.70
CA ASN A 103 16.69 4.79 -4.12
C ASN A 103 15.59 4.53 -5.15
N LYS A 104 15.72 5.15 -6.32
CA LYS A 104 14.73 5.03 -7.37
C LYS A 104 14.64 3.66 -8.02
N GLU A 105 15.64 2.82 -7.87
CA GLU A 105 15.53 1.50 -8.49
C GLU A 105 14.65 0.65 -7.58
N ILE A 106 14.75 0.88 -6.28
CA ILE A 106 13.93 0.12 -5.36
C ILE A 106 12.48 0.56 -5.51
N VAL A 107 12.25 1.86 -5.59
CA VAL A 107 10.90 2.37 -5.77
C VAL A 107 10.28 1.79 -7.05
N MET A 108 11.04 1.78 -8.14
CA MET A 108 10.53 1.23 -9.40
C MET A 108 10.10 -0.22 -9.25
N ASN A 109 10.97 -1.03 -8.66
CA ASN A 109 10.68 -2.44 -8.50
C ASN A 109 9.40 -2.71 -7.76
N LEU A 110 9.29 -2.11 -6.58
CA LEU A 110 8.12 -2.25 -5.74
C LEU A 110 6.86 -1.81 -6.48
N ASN A 111 6.94 -0.66 -7.13
CA ASN A 111 5.79 -0.13 -7.86
C ASN A 111 5.44 -0.93 -9.10
N LEU A 112 6.27 -1.92 -9.39
CA LEU A 112 6.03 -2.78 -10.53
C LEU A 112 5.19 -3.96 -10.02
N HIS A 113 4.97 -3.99 -8.70
CA HIS A 113 4.17 -5.06 -8.10
C HIS A 113 3.12 -4.60 -7.09
N GLY A 114 2.71 -3.34 -7.19
CA GLY A 114 1.68 -2.80 -6.31
C GLY A 114 2.12 -2.34 -4.93
N GLY A 115 3.41 -2.03 -4.77
CA GLY A 115 3.90 -1.60 -3.48
C GLY A 115 3.61 -0.16 -3.12
N ARG A 116 3.25 0.64 -4.13
CA ARG A 116 2.97 2.07 -3.94
C ARG A 116 4.08 2.66 -3.10
N ALA A 117 5.30 2.61 -3.63
CA ALA A 117 6.44 3.12 -2.91
C ALA A 117 6.83 4.52 -3.37
N VAL A 118 7.26 5.34 -2.43
CA VAL A 118 7.70 6.68 -2.70
C VAL A 118 9.03 6.75 -2.00
N GLY A 119 10.06 7.16 -2.73
CA GLY A 119 11.38 7.26 -2.16
C GLY A 119 11.79 8.65 -1.76
N ILE A 120 12.11 8.80 -0.49
CA ILE A 120 12.55 10.06 0.07
C ILE A 120 13.96 9.83 0.62
N CYS A 121 14.49 10.84 1.31
CA CYS A 121 15.81 10.74 1.92
C CYS A 121 15.82 11.58 3.19
N GLY A 122 16.89 11.48 3.97
CA GLY A 122 16.98 12.22 5.21
C GLY A 122 16.72 13.72 5.15
N LYS A 123 16.90 14.32 3.98
CA LYS A 123 16.67 15.75 3.83
C LYS A 123 15.19 16.13 3.81
N ASP A 124 14.37 15.37 3.07
CA ASP A 124 12.94 15.63 2.94
C ASP A 124 12.21 15.85 4.25
N SER A 125 11.78 17.09 4.47
CA SER A 125 11.09 17.50 5.68
C SER A 125 11.93 17.21 6.92
N LYS A 126 13.25 17.21 6.74
CA LYS A 126 14.20 16.98 7.81
C LYS A 126 13.92 15.73 8.65
N LEU A 127 13.65 14.62 7.95
CA LEU A 127 13.39 13.36 8.62
C LEU A 127 14.58 12.95 9.50
N ILE A 128 15.80 13.13 8.99
CA ILE A 128 17.03 12.79 9.73
C ILE A 128 17.94 14.01 9.89
N VAL A 129 18.03 14.52 11.11
CA VAL A 129 18.87 15.67 11.34
C VAL A 129 20.19 15.16 11.88
N ALA A 130 21.26 15.51 11.17
CA ALA A 130 22.58 15.06 11.53
C ALA A 130 23.57 16.19 11.82
N GLU A 131 24.64 15.83 12.50
CA GLU A 131 25.72 16.75 12.83
C GLU A 131 26.98 15.92 12.59
N LYS A 132 28.09 16.58 12.27
CA LYS A 132 29.35 15.88 11.98
C LYS A 132 29.79 14.88 13.07
N GLU A 133 29.90 13.62 12.68
CA GLU A 133 30.34 12.56 13.60
C GLU A 133 31.79 12.89 13.98
N THR A 134 31.97 13.39 15.20
CA THR A 134 33.28 13.81 15.70
C THR A 134 34.17 12.81 16.43
N LYS A 135 33.67 11.63 16.77
CA LYS A 135 34.48 10.66 17.50
C LYS A 135 35.80 10.29 16.81
N HIS A 136 35.74 9.86 15.55
CA HIS A 136 36.95 9.50 14.82
C HIS A 136 37.61 10.69 14.15
N GLY A 137 37.63 11.81 14.86
CA GLY A 137 38.24 13.01 14.31
C GLY A 137 37.37 13.68 13.24
N ASP A 138 38.02 14.42 12.36
CA ASP A 138 37.37 15.15 11.29
C ASP A 138 37.44 14.40 9.95
N ILE A 139 36.59 13.37 9.78
CA ILE A 139 36.61 12.59 8.53
C ILE A 139 35.66 13.11 7.45
N GLY A 140 35.27 14.38 7.55
CA GLY A 140 34.40 14.96 6.54
C GLY A 140 32.92 15.06 6.86
N TYR A 141 32.09 14.88 5.83
CA TYR A 141 30.64 14.95 5.98
C TYR A 141 30.01 13.60 6.27
N VAL A 142 30.57 12.94 7.25
CA VAL A 142 30.08 11.72 7.80
C VAL A 142 29.34 12.20 9.03
N GLY A 143 28.13 11.71 9.27
CA GLY A 143 27.39 12.25 10.40
C GLY A 143 26.74 11.26 11.32
N LYS A 144 26.29 11.77 12.46
CA LYS A 144 25.59 10.98 13.45
C LYS A 144 24.22 11.63 13.58
N VAL A 145 23.22 10.83 13.93
CA VAL A 145 21.88 11.33 14.05
C VAL A 145 21.59 12.14 15.30
N LYS A 146 21.25 13.41 15.10
CA LYS A 146 20.91 14.30 16.20
C LYS A 146 19.43 14.11 16.55
N LYS A 147 18.60 13.99 15.53
CA LYS A 147 17.18 13.79 15.75
C LYS A 147 16.43 13.29 14.52
N VAL A 148 15.38 12.51 14.77
CA VAL A 148 14.53 11.99 13.71
C VAL A 148 13.14 12.61 13.80
N ASN A 149 12.69 13.22 12.70
CA ASN A 149 11.35 13.81 12.62
C ASN A 149 10.53 12.92 11.72
N PRO A 150 9.86 11.91 12.30
CA PRO A 150 9.02 10.90 11.64
C PRO A 150 7.68 11.27 11.04
N GLU A 151 7.28 12.55 11.11
CA GLU A 151 5.99 12.95 10.58
C GLU A 151 5.75 12.47 9.16
N ILE A 152 6.64 12.84 8.25
CA ILE A 152 6.46 12.43 6.88
C ILE A 152 6.23 10.91 6.79
N LEU A 153 6.92 10.13 7.61
CA LEU A 153 6.73 8.69 7.58
C LEU A 153 5.28 8.31 7.93
N HIS A 154 4.79 8.90 9.00
CA HIS A 154 3.42 8.67 9.44
C HIS A 154 2.44 9.07 8.36
N ALA A 155 2.67 10.20 7.72
CA ALA A 155 1.81 10.63 6.63
C ALA A 155 1.79 9.58 5.53
N LEU A 156 2.97 9.13 5.10
CA LEU A 156 3.06 8.15 4.03
C LEU A 156 2.46 6.78 4.31
N ILE A 157 2.75 6.19 5.48
CA ILE A 157 2.23 4.85 5.80
C ILE A 157 0.74 4.79 6.12
N GLU A 158 0.21 5.90 6.63
CA GLU A 158 -1.21 5.98 6.95
C GLU A 158 -2.01 6.08 5.66
N ASN A 159 -1.35 6.54 4.61
CA ASN A 159 -1.99 6.65 3.31
C ASN A 159 -1.62 5.47 2.42
N ASP A 160 -1.16 4.40 3.05
CA ASP A 160 -0.81 3.16 2.35
C ASP A 160 0.38 3.24 1.39
N TYR A 161 1.32 4.13 1.68
CA TYR A 161 2.54 4.26 0.88
C TYR A 161 3.73 3.57 1.57
N ILE A 162 4.65 3.01 0.80
CA ILE A 162 5.83 2.35 1.36
C ILE A 162 7.02 3.32 1.17
N PRO A 163 7.55 3.88 2.27
CA PRO A 163 8.67 4.81 2.18
C PRO A 163 9.97 4.06 1.94
N VAL A 164 10.75 4.51 0.96
CA VAL A 164 12.05 3.92 0.63
C VAL A 164 13.02 5.04 0.96
N ILE A 165 13.70 4.94 2.11
CA ILE A 165 14.62 5.96 2.60
C ILE A 165 16.12 5.86 2.25
N ALA A 166 16.70 6.95 1.79
CA ALA A 166 18.12 7.04 1.46
C ALA A 166 18.79 7.64 2.70
N PRO A 167 19.83 6.98 3.21
CA PRO A 167 20.58 7.39 4.39
C PRO A 167 21.39 8.67 4.37
N VAL A 168 20.83 9.74 3.84
CA VAL A 168 21.55 11.02 3.80
C VAL A 168 20.82 12.08 4.61
N GLY A 169 21.32 12.38 5.80
CA GLY A 169 20.66 13.37 6.64
C GLY A 169 21.02 14.81 6.33
N ILE A 170 20.45 15.73 7.10
CA ILE A 170 20.72 17.14 6.89
C ILE A 170 21.14 17.77 8.22
N GLY A 171 22.08 18.71 8.14
CA GLY A 171 22.55 19.38 9.35
C GLY A 171 21.97 20.78 9.51
N GLU A 172 21.87 21.24 10.75
CA GLU A 172 21.32 22.56 11.03
C GLU A 172 21.95 23.64 10.14
N ASP A 173 23.23 23.46 9.84
CA ASP A 173 23.91 24.42 8.97
C ASP A 173 23.18 24.39 7.63
N GLY A 174 23.04 23.20 7.07
CA GLY A 174 22.37 23.04 5.80
C GLY A 174 23.12 22.04 4.93
N HIS A 175 24.27 21.59 5.39
CA HIS A 175 25.05 20.64 4.62
C HIS A 175 24.54 19.23 4.84
N SER A 176 24.58 18.42 3.77
CA SER A 176 24.14 17.05 3.82
C SER A 176 25.25 16.18 4.37
N TYR A 177 24.89 15.17 5.16
CA TYR A 177 25.86 14.26 5.77
C TYR A 177 25.54 12.81 5.45
N ASN A 178 26.59 12.00 5.36
CA ASN A 178 26.42 10.59 5.06
C ASN A 178 26.26 9.82 6.36
N ILE A 179 25.19 9.04 6.45
CA ILE A 179 24.93 8.28 7.66
C ILE A 179 24.87 6.79 7.44
N ASN A 180 25.28 6.04 8.45
CA ASN A 180 25.27 4.60 8.40
C ASN A 180 23.83 4.07 8.31
N ALA A 181 23.50 3.38 7.22
CA ALA A 181 22.15 2.86 7.01
C ALA A 181 21.61 2.07 8.23
N ASP A 182 22.46 1.25 8.82
CA ASP A 182 22.04 0.48 9.98
C ASP A 182 21.58 1.38 11.13
N THR A 183 22.37 2.41 11.42
CA THR A 183 22.03 3.34 12.48
C THR A 183 20.75 4.07 12.07
N ALA A 184 20.74 4.60 10.86
CA ALA A 184 19.59 5.32 10.33
C ALA A 184 18.33 4.48 10.55
N ALA A 185 18.34 3.27 9.99
CA ALA A 185 17.22 2.35 10.12
C ALA A 185 16.86 2.09 11.58
N ALA A 186 17.86 1.99 12.45
CA ALA A 186 17.62 1.73 13.87
C ALA A 186 17.02 2.96 14.54
N GLU A 187 17.52 4.13 14.16
CA GLU A 187 17.01 5.38 14.71
C GLU A 187 15.54 5.63 14.34
N ILE A 188 15.19 5.55 13.05
CA ILE A 188 13.80 5.80 12.69
C ILE A 188 12.88 4.80 13.37
N ALA A 189 13.31 3.54 13.47
CA ALA A 189 12.48 2.52 14.13
C ALA A 189 12.25 2.89 15.59
N LYS A 190 13.26 3.48 16.23
CA LYS A 190 13.11 3.93 17.62
C LYS A 190 12.08 5.07 17.64
N SER A 191 12.31 6.07 16.81
CA SER A 191 11.42 7.20 16.70
C SER A 191 9.95 6.81 16.48
N LEU A 192 9.71 5.69 15.83
CA LEU A 192 8.35 5.21 15.56
C LEU A 192 8.02 4.09 16.53
N MET A 193 9.01 3.65 17.30
CA MET A 193 8.81 2.52 18.21
C MET A 193 8.17 1.41 17.40
N ALA A 194 8.79 1.08 16.26
CA ALA A 194 8.26 0.07 15.38
C ALA A 194 8.20 -1.27 16.07
N GLU A 195 7.40 -2.18 15.51
CA GLU A 195 7.25 -3.51 16.06
C GLU A 195 8.52 -4.31 15.80
N LYS A 196 9.11 -4.07 14.64
CA LYS A 196 10.31 -4.77 14.26
C LYS A 196 11.24 -3.91 13.48
N LEU A 197 12.49 -4.28 13.62
CA LEU A 197 13.56 -3.69 12.88
C LEU A 197 14.25 -4.89 12.27
N ILE A 198 14.31 -4.93 10.95
CA ILE A 198 14.89 -6.10 10.32
C ILE A 198 16.16 -5.74 9.57
N LEU A 199 17.29 -6.35 9.97
CA LEU A 199 18.58 -6.08 9.32
C LEU A 199 19.01 -7.25 8.43
N LEU A 200 19.08 -7.00 7.13
CA LEU A 200 19.51 -8.03 6.21
C LEU A 200 21.02 -7.93 6.09
N THR A 201 21.71 -9.02 6.42
CA THR A 201 23.16 -9.04 6.34
C THR A 201 23.58 -10.08 5.31
N ASP A 202 24.83 -10.52 5.38
CA ASP A 202 25.34 -11.52 4.45
C ASP A 202 25.64 -12.82 5.19
N VAL A 203 25.34 -12.82 6.49
CA VAL A 203 25.52 -13.99 7.34
C VAL A 203 24.19 -14.37 7.94
N ASP A 204 24.03 -15.64 8.30
CA ASP A 204 22.79 -16.15 8.87
C ASP A 204 22.30 -15.44 10.12
N GLY A 205 23.18 -14.73 10.81
CA GLY A 205 22.73 -14.05 12.00
C GLY A 205 23.88 -13.97 12.97
N VAL A 206 23.62 -14.06 14.26
CA VAL A 206 24.69 -14.01 15.26
C VAL A 206 25.14 -15.44 15.55
N LEU A 207 26.38 -15.75 15.20
CA LEU A 207 26.99 -17.05 15.35
C LEU A 207 27.96 -17.20 16.51
N LYS A 208 28.00 -18.39 17.09
CA LYS A 208 28.90 -18.69 18.21
C LYS A 208 29.47 -20.09 17.98
N ASP A 209 30.74 -20.12 17.57
CA ASP A 209 31.45 -21.35 17.28
C ASP A 209 30.71 -22.11 16.18
N GLY A 210 30.38 -21.39 15.11
CA GLY A 210 29.68 -21.97 13.98
C GLY A 210 28.20 -22.30 14.13
N LYS A 211 27.62 -21.99 15.30
CA LYS A 211 26.20 -22.28 15.53
C LYS A 211 25.32 -21.02 15.53
N LEU A 212 24.25 -21.02 14.75
CA LEU A 212 23.34 -19.89 14.71
C LEU A 212 22.59 -19.80 16.02
N ILE A 213 22.55 -18.60 16.60
CA ILE A 213 21.80 -18.42 17.84
C ILE A 213 20.43 -17.88 17.44
N SER A 214 19.41 -18.67 17.79
CA SER A 214 18.03 -18.35 17.49
C SER A 214 17.53 -17.10 18.23
N THR A 215 17.67 -17.11 19.55
CA THR A 215 17.18 -16.02 20.39
C THR A 215 18.21 -15.31 21.27
N LEU A 216 17.93 -14.04 21.57
CA LEU A 216 18.83 -13.25 22.41
C LEU A 216 18.13 -12.12 23.14
N THR A 217 18.48 -11.90 24.40
CA THR A 217 17.91 -10.76 25.12
C THR A 217 18.99 -9.69 24.92
N PRO A 218 18.63 -8.41 25.00
CA PRO A 218 19.67 -7.41 24.79
C PRO A 218 20.94 -7.70 25.63
N ASP A 219 20.73 -8.07 26.89
CA ASP A 219 21.84 -8.39 27.75
C ASP A 219 22.70 -9.50 27.16
N GLU A 220 22.09 -10.64 26.84
CA GLU A 220 22.84 -11.74 26.26
C GLU A 220 23.62 -11.26 25.03
N ALA A 221 23.09 -10.23 24.36
CA ALA A 221 23.73 -9.69 23.17
C ALA A 221 24.91 -8.80 23.49
N GLU A 222 24.86 -8.11 24.62
CA GLU A 222 25.99 -7.26 24.98
C GLU A 222 27.16 -8.13 25.44
N GLU A 223 26.82 -9.26 26.07
CA GLU A 223 27.83 -10.18 26.55
C GLU A 223 28.43 -11.00 25.44
N LEU A 224 28.12 -10.65 24.19
CA LEU A 224 28.70 -11.39 23.09
C LEU A 224 29.68 -10.47 22.39
N ILE A 225 29.51 -9.16 22.60
CA ILE A 225 30.44 -8.18 22.03
C ILE A 225 31.48 -8.05 23.11
N ARG A 226 31.03 -8.18 24.34
CA ARG A 226 31.90 -8.10 25.50
C ARG A 226 32.75 -9.38 25.55
N ASP A 227 32.10 -10.54 25.43
CA ASP A 227 32.74 -11.87 25.46
C ASP A 227 33.69 -12.09 24.27
N GLY A 228 33.56 -11.24 23.25
CA GLY A 228 34.41 -11.35 22.07
C GLY A 228 33.89 -12.27 20.99
N THR A 229 32.65 -12.73 21.12
CA THR A 229 32.04 -13.64 20.13
C THR A 229 31.58 -12.90 18.87
N VAL A 230 31.19 -11.64 19.04
CA VAL A 230 30.73 -10.77 17.95
C VAL A 230 31.96 -9.93 17.57
N THR A 231 32.25 -9.88 16.28
CA THR A 231 33.42 -9.14 15.82
C THR A 231 33.17 -8.39 14.52
N GLY A 232 34.07 -7.46 14.21
CA GLY A 232 33.96 -6.70 12.99
C GLY A 232 32.66 -5.93 12.87
N GLY A 233 32.16 -5.85 11.63
CA GLY A 233 30.92 -5.13 11.37
C GLY A 233 29.71 -5.58 12.16
N MET A 234 29.73 -6.82 12.62
CA MET A 234 28.61 -7.33 13.40
C MET A 234 28.49 -6.62 14.74
N ILE A 235 29.56 -5.97 15.18
CA ILE A 235 29.53 -5.24 16.45
C ILE A 235 28.57 -4.07 16.31
N PRO A 236 28.75 -3.23 15.27
CA PRO A 236 27.86 -2.09 15.07
C PRO A 236 26.40 -2.53 14.96
N LYS A 237 26.18 -3.68 14.33
CA LYS A 237 24.82 -4.20 14.18
C LYS A 237 24.20 -4.59 15.51
N VAL A 238 24.78 -5.58 16.19
CA VAL A 238 24.28 -6.03 17.48
C VAL A 238 24.09 -4.81 18.37
N GLU A 239 24.99 -3.84 18.18
CA GLU A 239 24.97 -2.59 18.92
C GLU A 239 23.66 -1.88 18.66
N CYS A 240 23.34 -1.68 17.38
CA CYS A 240 22.09 -1.03 16.99
C CYS A 240 20.89 -1.82 17.47
N ALA A 241 20.99 -3.15 17.38
CA ALA A 241 19.90 -4.02 17.79
C ALA A 241 19.54 -3.81 19.26
N VAL A 242 20.55 -3.83 20.12
CA VAL A 242 20.37 -3.64 21.56
C VAL A 242 19.77 -2.25 21.81
N SER A 243 20.38 -1.24 21.20
CA SER A 243 19.91 0.13 21.34
C SER A 243 18.45 0.24 20.95
N ALA A 244 18.11 -0.34 19.81
CA ALA A 244 16.75 -0.30 19.29
C ALA A 244 15.76 -0.95 20.26
N VAL A 245 16.06 -2.16 20.71
CA VAL A 245 15.19 -2.88 21.63
C VAL A 245 14.93 -2.12 22.92
N ARG A 246 15.98 -1.55 23.50
CA ARG A 246 15.79 -0.78 24.73
C ARG A 246 15.07 0.53 24.44
N GLY A 247 15.19 1.04 23.22
CA GLY A 247 14.55 2.27 22.85
C GLY A 247 13.06 2.15 22.53
N GLY A 248 12.51 0.95 22.59
CA GLY A 248 11.09 0.79 22.29
C GLY A 248 10.73 -0.10 21.11
N VAL A 249 11.71 -0.55 20.33
CA VAL A 249 11.41 -1.41 19.20
C VAL A 249 11.09 -2.80 19.74
N GLY A 250 9.97 -3.36 19.30
CA GLY A 250 9.53 -4.65 19.75
C GLY A 250 10.54 -5.77 19.61
N ALA A 251 11.32 -5.77 18.55
CA ALA A 251 12.32 -6.81 18.37
C ALA A 251 13.07 -6.55 17.09
N VAL A 252 14.35 -6.93 17.05
CA VAL A 252 15.10 -6.73 15.82
C VAL A 252 15.52 -8.12 15.36
N HIS A 253 15.56 -8.32 14.04
CA HIS A 253 15.91 -9.61 13.49
C HIS A 253 17.11 -9.41 12.59
N ILE A 254 18.14 -10.23 12.80
CA ILE A 254 19.35 -10.16 11.98
C ILE A 254 19.35 -11.46 11.20
N ILE A 255 19.01 -11.36 9.93
CA ILE A 255 18.94 -12.54 9.09
C ILE A 255 19.79 -12.45 7.83
N ASN A 256 19.92 -13.57 7.14
CA ASN A 256 20.73 -13.63 5.93
C ASN A 256 20.01 -13.10 4.69
N GLY A 257 20.40 -11.91 4.24
CA GLY A 257 19.78 -11.30 3.08
C GLY A 257 19.92 -12.08 1.78
N GLY A 258 20.85 -13.02 1.76
CA GLY A 258 21.09 -13.82 0.57
C GLY A 258 20.19 -15.03 0.52
N LEU A 259 19.50 -15.30 1.62
CA LEU A 259 18.56 -16.40 1.68
C LEU A 259 17.24 -15.97 1.04
N GLU A 260 16.78 -16.70 0.03
CA GLU A 260 15.51 -16.36 -0.62
C GLU A 260 14.39 -16.44 0.38
N HIS A 261 13.57 -15.39 0.38
CA HIS A 261 12.42 -15.29 1.25
C HIS A 261 12.78 -15.34 2.73
N ALA A 262 13.95 -14.80 3.05
CA ALA A 262 14.41 -14.75 4.42
C ALA A 262 13.36 -14.04 5.28
N ILE A 263 12.86 -12.91 4.79
CA ILE A 263 11.84 -12.16 5.52
C ILE A 263 10.56 -12.97 5.72
N LEU A 264 10.12 -13.66 4.68
CA LEU A 264 8.90 -14.45 4.79
C LEU A 264 9.06 -15.58 5.81
N LEU A 265 10.19 -16.27 5.76
CA LEU A 265 10.45 -17.39 6.66
C LEU A 265 10.67 -16.94 8.10
N GLU A 266 11.21 -15.74 8.29
CA GLU A 266 11.44 -15.24 9.64
C GLU A 266 10.15 -14.76 10.26
N ILE A 267 9.34 -14.07 9.46
CA ILE A 267 8.10 -13.53 10.02
C ILE A 267 6.98 -14.54 10.21
N PHE A 268 6.74 -15.40 9.23
CA PHE A 268 5.60 -16.31 9.33
C PHE A 268 5.83 -17.77 9.77
N SER A 269 6.83 -18.03 10.60
CA SER A 269 7.12 -19.33 11.12
C SER A 269 7.56 -19.13 12.55
N ARG A 270 7.35 -20.12 13.43
CA ARG A 270 7.71 -19.98 14.83
C ARG A 270 9.21 -19.97 15.10
N LYS A 271 9.93 -20.91 14.53
CA LYS A 271 11.36 -21.01 14.75
C LYS A 271 12.21 -19.91 14.11
N GLY A 272 11.81 -19.45 12.92
CA GLY A 272 12.59 -18.41 12.27
C GLY A 272 13.79 -18.99 11.51
N ILE A 273 14.58 -18.12 10.87
CA ILE A 273 15.75 -18.57 10.11
C ILE A 273 16.99 -17.73 10.35
N GLY A 274 16.99 -16.96 11.44
CA GLY A 274 18.12 -16.12 11.75
C GLY A 274 18.08 -15.81 13.23
N THR A 275 18.57 -14.64 13.62
CA THR A 275 18.60 -14.26 15.04
C THR A 275 17.62 -13.15 15.39
N MET A 276 16.82 -13.38 16.43
CA MET A 276 15.87 -12.38 16.90
C MET A 276 16.24 -11.93 18.30
N ILE A 277 16.42 -10.63 18.46
CA ILE A 277 16.76 -10.05 19.75
C ILE A 277 15.55 -9.33 20.34
N LYS A 278 15.10 -9.74 21.52
CA LYS A 278 13.98 -9.09 22.19
C LYS A 278 14.04 -9.37 23.68
N GLU A 279 13.35 -8.54 24.46
CA GLU A 279 13.32 -8.71 25.89
C GLU A 279 12.55 -9.95 26.24
N LEU A 280 12.60 -10.30 27.52
CA LEU A 280 11.89 -11.43 27.96
C LEU A 280 10.45 -11.08 28.07
N GLU A 281 9.63 -12.09 27.94
CA GLU A 281 8.27 -11.77 28.16
C GLU A 281 7.20 -12.82 28.01
N GLY A 282 6.14 -12.32 28.56
CA GLY A 282 4.87 -13.04 28.63
C GLY A 282 3.70 -12.15 28.25
N MET B 1 5.78 56.37 2.96
CA MET B 1 5.39 55.90 4.33
C MET B 1 3.98 55.34 4.34
N ARG B 2 3.37 55.39 5.52
CA ARG B 2 2.02 54.90 5.76
C ARG B 2 1.09 54.58 4.61
N ILE B 3 0.59 55.58 3.89
CA ILE B 3 -0.35 55.26 2.82
C ILE B 3 0.10 54.14 1.88
N ASP B 4 1.39 54.06 1.56
CA ASP B 4 1.89 53.00 0.68
C ASP B 4 1.46 51.66 1.29
N THR B 5 1.57 51.58 2.62
CA THR B 5 1.21 50.40 3.38
C THR B 5 -0.27 50.04 3.23
N VAL B 6 -1.13 51.03 3.43
CA VAL B 6 -2.56 50.85 3.34
C VAL B 6 -2.99 50.39 1.96
N ASN B 7 -2.45 51.05 0.94
CA ASN B 7 -2.85 50.69 -0.39
C ASN B 7 -2.32 49.35 -0.86
N VAL B 8 -1.12 48.97 -0.43
CA VAL B 8 -0.58 47.69 -0.82
C VAL B 8 -1.44 46.58 -0.18
N LEU B 9 -1.66 46.70 1.13
CA LEU B 9 -2.44 45.73 1.89
C LEU B 9 -3.91 45.61 1.46
N LEU B 10 -4.50 46.72 1.04
CA LEU B 10 -5.89 46.73 0.61
C LEU B 10 -5.98 46.07 -0.76
N GLU B 11 -4.90 46.17 -1.51
CA GLU B 11 -4.86 45.57 -2.83
C GLU B 11 -4.59 44.08 -2.65
N ALA B 12 -3.65 43.77 -1.76
CA ALA B 12 -3.26 42.38 -1.49
C ALA B 12 -4.27 41.52 -0.73
N LEU B 13 -4.51 41.83 0.55
CA LEU B 13 -5.43 41.05 1.40
C LEU B 13 -6.60 40.30 0.73
N PRO B 14 -7.34 40.97 -0.16
CA PRO B 14 -8.45 40.28 -0.81
C PRO B 14 -7.96 38.97 -1.39
N TYR B 15 -6.85 39.02 -2.13
CA TYR B 15 -6.27 37.83 -2.75
C TYR B 15 -5.99 36.72 -1.73
N ILE B 16 -5.71 37.08 -0.48
CA ILE B 16 -5.49 36.06 0.53
C ILE B 16 -6.81 35.30 0.75
N LYS B 17 -7.91 36.03 0.67
CA LYS B 17 -9.22 35.39 0.85
C LYS B 17 -9.52 34.42 -0.28
N GLU B 18 -9.29 34.83 -1.52
CA GLU B 18 -9.56 34.00 -2.68
C GLU B 18 -8.65 32.78 -2.88
N PHE B 19 -7.36 32.93 -2.62
CA PHE B 19 -6.41 31.85 -2.83
C PHE B 19 -6.17 30.88 -1.69
N TYR B 20 -6.64 31.24 -0.51
CA TYR B 20 -6.46 30.40 0.67
C TYR B 20 -6.95 28.98 0.43
N GLY B 21 -6.04 28.02 0.57
CA GLY B 21 -6.42 26.63 0.37
C GLY B 21 -6.25 26.11 -1.04
N LYS B 22 -5.99 27.01 -1.98
CA LYS B 22 -5.81 26.63 -3.37
C LYS B 22 -4.41 26.10 -3.67
N THR B 23 -4.24 25.52 -4.85
CA THR B 23 -2.95 24.97 -5.24
C THR B 23 -2.31 25.73 -6.40
N PHE B 24 -1.05 26.16 -6.21
CA PHE B 24 -0.31 26.84 -7.28
C PHE B 24 0.78 25.92 -7.73
N VAL B 25 0.87 25.65 -9.02
CA VAL B 25 1.95 24.81 -9.54
C VAL B 25 2.95 25.83 -10.11
N ILE B 26 4.16 25.84 -9.58
CA ILE B 26 5.20 26.77 -10.00
C ILE B 26 6.37 26.09 -10.70
N LYS B 27 6.61 26.48 -11.95
CA LYS B 27 7.69 25.91 -12.75
C LYS B 27 8.99 26.73 -12.71
N PHE B 28 9.99 26.13 -12.09
CA PHE B 28 11.34 26.68 -11.91
C PHE B 28 12.10 26.37 -13.19
N GLY B 29 12.00 27.27 -14.15
CA GLY B 29 12.71 27.06 -15.40
C GLY B 29 14.16 27.42 -15.22
N GLY B 30 14.69 28.17 -16.17
CA GLY B 30 16.10 28.55 -16.12
C GLY B 30 16.31 29.75 -15.25
N SER B 31 16.23 30.91 -15.86
CA SER B 31 16.40 32.22 -15.27
C SER B 31 16.45 32.38 -13.74
N ALA B 32 15.28 32.29 -13.08
CA ALA B 32 15.16 32.50 -11.62
C ALA B 32 16.09 31.71 -10.71
N MET B 33 17.06 31.03 -11.32
CA MET B 33 18.04 30.22 -10.59
C MET B 33 19.44 30.73 -10.92
N LYS B 34 19.53 31.80 -11.71
CA LYS B 34 20.83 32.36 -12.09
C LYS B 34 21.38 33.39 -11.09
N GLN B 35 20.97 34.65 -11.20
CA GLN B 35 21.46 35.66 -10.27
C GLN B 35 21.05 35.24 -8.89
N GLU B 36 21.94 35.42 -7.92
CA GLU B 36 21.69 35.02 -6.56
C GLU B 36 20.52 35.70 -5.84
N ASN B 37 20.39 37.03 -5.93
CA ASN B 37 19.29 37.69 -5.25
C ASN B 37 17.93 37.24 -5.75
N ALA B 38 17.81 36.98 -7.05
CA ALA B 38 16.55 36.52 -7.61
C ALA B 38 16.24 35.14 -7.04
N LYS B 39 17.29 34.35 -6.83
CA LYS B 39 17.15 33.00 -6.27
C LYS B 39 16.65 33.10 -4.84
N LYS B 40 17.20 34.04 -4.07
CA LYS B 40 16.78 34.21 -2.68
C LYS B 40 15.33 34.69 -2.55
N ALA B 41 14.96 35.70 -3.32
CA ALA B 41 13.60 36.24 -3.28
C ALA B 41 12.62 35.14 -3.66
N PHE B 42 12.93 34.37 -4.69
CA PHE B 42 12.05 33.28 -5.11
C PHE B 42 11.73 32.36 -3.94
N ILE B 43 12.77 31.80 -3.32
CA ILE B 43 12.62 30.90 -2.19
C ILE B 43 11.72 31.57 -1.14
N GLN B 44 11.92 32.86 -0.95
CA GLN B 44 11.12 33.61 0.00
C GLN B 44 9.64 33.69 -0.44
N ASP B 45 9.39 33.93 -1.72
CA ASP B 45 8.03 34.00 -2.25
C ASP B 45 7.25 32.72 -1.95
N ILE B 46 7.87 31.58 -2.22
CA ILE B 46 7.25 30.29 -1.96
C ILE B 46 6.81 30.18 -0.51
N ILE B 47 7.70 30.54 0.41
CA ILE B 47 7.43 30.47 1.85
C ILE B 47 6.25 31.39 2.22
N LEU B 48 6.16 32.55 1.58
CA LEU B 48 5.07 33.47 1.85
C LEU B 48 3.74 32.89 1.35
N LEU B 49 3.72 32.36 0.13
CA LEU B 49 2.48 31.77 -0.36
C LEU B 49 2.02 30.72 0.65
N LYS B 50 2.98 30.03 1.26
CA LYS B 50 2.68 29.00 2.23
C LYS B 50 2.15 29.62 3.53
N TYR B 51 2.64 30.81 3.88
CA TYR B 51 2.19 31.45 5.11
C TYR B 51 0.75 31.93 4.98
N THR B 52 0.34 32.20 3.76
CA THR B 52 -1.00 32.71 3.53
C THR B 52 -2.06 31.65 3.30
N GLY B 53 -1.70 30.38 3.37
CA GLY B 53 -2.67 29.33 3.15
C GLY B 53 -2.68 28.71 1.75
N ILE B 54 -1.77 29.14 0.88
CA ILE B 54 -1.67 28.60 -0.46
C ILE B 54 -0.86 27.29 -0.43
N LYS B 55 -1.19 26.36 -1.32
CA LYS B 55 -0.49 25.08 -1.40
C LYS B 55 0.41 25.10 -2.64
N PRO B 56 1.67 25.50 -2.48
CA PRO B 56 2.53 25.54 -3.65
C PRO B 56 3.09 24.18 -4.00
N ILE B 57 3.30 23.94 -5.29
CA ILE B 57 3.89 22.70 -5.79
C ILE B 57 4.97 23.15 -6.78
N ILE B 58 6.21 22.78 -6.52
CA ILE B 58 7.31 23.16 -7.40
C ILE B 58 7.71 22.09 -8.42
N VAL B 59 8.07 22.54 -9.61
CA VAL B 59 8.55 21.67 -10.68
C VAL B 59 9.79 22.36 -11.24
N HIS B 60 10.89 21.62 -11.41
CA HIS B 60 12.13 22.23 -11.92
C HIS B 60 12.65 21.56 -13.17
N GLY B 61 13.56 22.23 -13.87
CA GLY B 61 14.15 21.67 -15.07
C GLY B 61 15.57 21.21 -14.79
N GLY B 62 16.36 21.08 -15.85
CA GLY B 62 17.74 20.65 -15.71
C GLY B 62 18.65 21.85 -15.72
N GLY B 63 19.65 21.82 -16.60
CA GLY B 63 20.58 22.94 -16.69
C GLY B 63 22.05 22.58 -16.77
N PRO B 64 22.93 23.50 -16.38
CA PRO B 64 24.39 23.36 -16.39
C PRO B 64 24.88 22.02 -15.85
N ALA B 65 24.35 21.66 -14.68
CA ALA B 65 24.71 20.42 -14.01
C ALA B 65 24.74 19.21 -14.92
N ILE B 66 23.72 19.06 -15.76
CA ILE B 66 23.64 17.94 -16.68
C ILE B 66 24.70 17.89 -17.78
N SER B 67 24.94 19.01 -18.47
CA SER B 67 25.96 19.03 -19.52
C SER B 67 27.30 18.65 -18.87
N GLN B 68 27.60 19.29 -17.75
CA GLN B 68 28.82 19.06 -17.01
C GLN B 68 29.05 17.58 -16.71
N MET B 69 28.14 16.99 -15.97
CA MET B 69 28.21 15.57 -15.61
C MET B 69 28.52 14.70 -16.84
N MET B 70 27.83 14.97 -17.95
CA MET B 70 28.04 14.20 -19.18
C MET B 70 29.50 14.26 -19.66
N LYS B 71 30.11 15.43 -19.54
CA LYS B 71 31.49 15.62 -19.95
C LYS B 71 32.44 14.99 -18.94
N ASP B 72 32.30 15.40 -17.68
CA ASP B 72 33.12 14.88 -16.59
C ASP B 72 33.05 13.35 -16.60
N LEU B 73 31.97 12.83 -17.18
CA LEU B 73 31.77 11.39 -17.25
C LEU B 73 32.05 10.93 -18.69
N GLY B 74 32.93 11.67 -19.36
CA GLY B 74 33.31 11.36 -20.74
C GLY B 74 32.25 10.73 -21.62
N ILE B 75 31.18 11.46 -21.87
CA ILE B 75 30.11 10.97 -22.72
C ILE B 75 29.72 12.05 -23.71
N GLU B 76 29.60 11.67 -24.97
CA GLU B 76 29.27 12.62 -26.01
C GLU B 76 27.81 12.59 -26.46
N PRO B 77 27.30 13.74 -26.94
CA PRO B 77 25.91 13.82 -27.40
C PRO B 77 25.71 12.96 -28.65
N VAL B 78 24.74 12.05 -28.61
CA VAL B 78 24.39 11.20 -29.76
C VAL B 78 23.11 11.79 -30.51
N PHE B 79 22.98 11.87 -31.86
CA PHE B 79 21.75 12.50 -32.57
C PHE B 79 21.06 11.54 -33.69
N LYS B 80 19.70 11.56 -34.01
CA LYS B 80 19.02 10.68 -35.08
C LYS B 80 18.42 11.62 -36.12
N ASN B 81 18.15 12.77 -35.48
CA ASN B 81 17.69 14.12 -35.76
C ASN B 81 16.29 14.56 -36.12
N GLY B 82 16.05 15.34 -35.09
CA GLY B 82 15.01 16.17 -34.60
C GLY B 82 15.74 16.55 -33.29
N HIS B 83 16.89 15.85 -33.09
CA HIS B 83 17.66 16.10 -31.88
C HIS B 83 18.59 15.02 -31.39
N ARG B 84 18.96 15.28 -30.14
CA ARG B 84 19.81 14.47 -29.30
C ARG B 84 19.05 13.22 -28.90
N VAL B 85 19.77 12.12 -28.86
CA VAL B 85 19.24 10.83 -28.50
C VAL B 85 19.50 10.61 -27.03
N THR B 86 18.70 9.79 -26.38
CA THR B 86 18.89 9.51 -24.96
C THR B 86 19.00 8.00 -24.75
N ASP B 87 20.23 7.49 -24.78
CA ASP B 87 20.45 6.05 -24.57
C ASP B 87 20.42 5.75 -23.07
N GLU B 88 20.20 4.47 -22.73
CA GLU B 88 20.16 4.04 -21.35
C GLU B 88 21.13 4.79 -20.44
N LYS B 89 22.43 4.67 -20.72
CA LYS B 89 23.43 5.33 -19.89
C LYS B 89 23.24 6.83 -19.76
N THR B 90 22.71 7.46 -20.80
CA THR B 90 22.49 8.90 -20.71
C THR B 90 21.28 9.18 -19.81
N MET B 91 20.22 8.39 -19.95
CA MET B 91 19.03 8.56 -19.11
C MET B 91 19.40 8.42 -17.64
N GLU B 92 20.24 7.42 -17.35
CA GLU B 92 20.68 7.18 -15.98
C GLU B 92 21.37 8.41 -15.40
N ILE B 93 22.16 9.10 -16.21
CA ILE B 93 22.87 10.27 -15.72
C ILE B 93 21.96 11.48 -15.56
N VAL B 94 20.99 11.61 -16.46
CA VAL B 94 20.04 12.71 -16.40
C VAL B 94 19.23 12.59 -15.10
N GLU B 95 18.62 11.42 -14.89
CA GLU B 95 17.83 11.15 -13.69
C GLU B 95 18.64 11.32 -12.41
N MET B 96 19.92 11.00 -12.48
CA MET B 96 20.81 11.11 -11.34
C MET B 96 21.05 12.58 -11.00
N VAL B 97 21.30 13.39 -12.02
CA VAL B 97 21.53 14.82 -11.81
C VAL B 97 20.26 15.53 -11.38
N LEU B 98 19.15 15.28 -12.09
CA LEU B 98 17.88 15.91 -11.76
C LEU B 98 17.37 15.59 -10.36
N VAL B 99 17.33 14.30 -10.03
CA VAL B 99 16.85 13.83 -8.74
C VAL B 99 17.86 13.94 -7.62
N GLY B 100 19.08 13.47 -7.88
CA GLY B 100 20.10 13.49 -6.85
C GLY B 100 20.79 14.82 -6.66
N LYS B 101 20.66 15.72 -7.62
CA LYS B 101 21.35 16.98 -7.47
C LYS B 101 20.42 18.19 -7.44
N ILE B 102 19.86 18.57 -8.58
CA ILE B 102 18.98 19.72 -8.62
C ILE B 102 17.78 19.63 -7.66
N ASN B 103 17.00 18.56 -7.79
CA ASN B 103 15.84 18.39 -6.94
C ASN B 103 16.11 18.62 -5.45
N LYS B 104 17.12 17.96 -4.90
CA LYS B 104 17.41 18.10 -3.47
C LYS B 104 18.00 19.43 -3.00
N GLU B 105 18.63 20.19 -3.89
CA GLU B 105 19.19 21.48 -3.49
C GLU B 105 18.01 22.41 -3.19
N ILE B 106 16.99 22.38 -4.04
CA ILE B 106 15.79 23.20 -3.89
C ILE B 106 15.11 22.83 -2.58
N VAL B 107 15.04 21.53 -2.29
CA VAL B 107 14.44 21.03 -1.07
C VAL B 107 15.20 21.55 0.16
N MET B 108 16.52 21.61 0.05
CA MET B 108 17.32 22.09 1.17
C MET B 108 17.07 23.58 1.38
N ASN B 109 17.17 24.37 0.32
CA ASN B 109 16.93 25.79 0.41
C ASN B 109 15.58 26.10 1.07
N LEU B 110 14.53 25.43 0.63
CA LEU B 110 13.19 25.64 1.18
C LEU B 110 13.15 25.22 2.65
N ASN B 111 13.59 24.02 2.95
CA ASN B 111 13.59 23.54 4.33
C ASN B 111 14.54 24.28 5.25
N LEU B 112 15.15 25.33 4.71
CA LEU B 112 16.06 26.16 5.48
C LEU B 112 15.27 27.36 6.01
N HIS B 113 14.06 27.56 5.49
CA HIS B 113 13.21 28.68 5.90
C HIS B 113 11.77 28.31 6.28
N GLY B 114 11.56 27.04 6.67
CA GLY B 114 10.25 26.57 7.08
C GLY B 114 9.31 25.96 6.05
N GLY B 115 9.74 25.79 4.81
CA GLY B 115 8.85 25.24 3.80
C GLY B 115 8.36 23.80 3.88
N ARG B 116 8.98 22.98 4.73
CA ARG B 116 8.60 21.55 4.85
C ARG B 116 8.42 20.92 3.46
N ALA B 117 9.43 21.04 2.63
CA ALA B 117 9.39 20.51 1.27
C ALA B 117 9.99 19.12 1.20
N VAL B 118 9.40 18.24 0.40
CA VAL B 118 9.94 16.90 0.23
C VAL B 118 10.04 16.67 -1.26
N GLY B 119 11.22 16.26 -1.70
CA GLY B 119 11.42 16.05 -3.10
C GLY B 119 11.05 14.64 -3.51
N ILE B 120 10.43 14.54 -4.69
CA ILE B 120 10.03 13.25 -5.25
C ILE B 120 10.09 13.41 -6.78
N CYS B 121 9.78 12.35 -7.53
CA CYS B 121 9.79 12.41 -8.99
C CYS B 121 8.65 11.59 -9.58
N GLY B 122 8.55 11.56 -10.91
CA GLY B 122 7.49 10.82 -11.57
C GLY B 122 7.42 9.34 -11.23
N LYS B 123 8.52 8.78 -10.70
CA LYS B 123 8.53 7.38 -10.34
C LYS B 123 7.73 7.11 -9.08
N ASP B 124 7.78 8.07 -8.15
CA ASP B 124 7.09 7.93 -6.85
C ASP B 124 5.59 7.69 -6.94
N SER B 125 5.17 6.49 -6.53
CA SER B 125 3.77 6.10 -6.58
C SER B 125 3.20 6.36 -7.97
N LYS B 126 4.06 6.21 -8.97
CA LYS B 126 3.66 6.40 -10.35
C LYS B 126 2.96 7.73 -10.59
N LEU B 127 3.50 8.79 -10.00
CA LEU B 127 2.96 10.13 -10.16
C LEU B 127 2.82 10.50 -11.64
N ILE B 128 3.89 10.26 -12.40
CA ILE B 128 3.90 10.54 -13.82
C ILE B 128 4.19 9.28 -14.62
N VAL B 129 3.17 8.71 -15.23
CA VAL B 129 3.35 7.53 -16.07
C VAL B 129 3.66 8.04 -17.46
N ALA B 130 4.78 7.65 -18.01
CA ALA B 130 5.12 8.13 -19.34
C ALA B 130 5.29 7.01 -20.34
N GLU B 131 5.48 7.42 -21.59
CA GLU B 131 5.71 6.45 -22.66
C GLU B 131 6.65 7.06 -23.71
N LYS B 132 7.25 6.18 -24.49
CA LYS B 132 8.21 6.56 -25.54
C LYS B 132 7.70 7.65 -26.48
N GLU B 133 8.47 8.71 -26.63
CA GLU B 133 8.09 9.78 -27.55
C GLU B 133 8.59 9.32 -28.92
N THR B 134 7.69 9.21 -29.89
CA THR B 134 8.04 8.71 -31.22
C THR B 134 7.89 9.68 -32.41
N LYS B 135 7.47 10.91 -32.18
CA LYS B 135 7.31 11.82 -33.30
C LYS B 135 8.56 11.99 -34.18
N HIS B 136 9.75 11.92 -33.59
CA HIS B 136 10.99 12.06 -34.36
C HIS B 136 11.69 10.71 -34.54
N GLY B 137 10.98 9.63 -34.24
CA GLY B 137 11.57 8.30 -34.34
C GLY B 137 12.16 7.90 -33.00
N ASP B 138 12.47 6.61 -32.82
CA ASP B 138 13.04 6.14 -31.56
C ASP B 138 14.38 6.82 -31.27
N ILE B 139 14.35 7.87 -30.44
CA ILE B 139 15.56 8.60 -30.06
C ILE B 139 15.92 8.35 -28.59
N GLY B 140 15.45 7.24 -28.04
CA GLY B 140 15.76 6.94 -26.66
C GLY B 140 14.64 7.11 -25.65
N TYR B 141 15.05 7.33 -24.41
CA TYR B 141 14.10 7.47 -23.34
C TYR B 141 13.63 8.90 -23.15
N VAL B 142 13.06 9.41 -24.22
CA VAL B 142 12.45 10.73 -24.23
C VAL B 142 10.99 10.42 -24.09
N GLY B 143 10.27 11.06 -23.16
CA GLY B 143 8.89 10.67 -23.03
C GLY B 143 7.85 11.75 -23.17
N LYS B 144 6.61 11.29 -23.22
CA LYS B 144 5.41 12.13 -23.30
C LYS B 144 4.56 11.60 -22.16
N VAL B 145 3.86 12.47 -21.45
CA VAL B 145 3.05 12.02 -20.32
C VAL B 145 1.82 11.22 -20.76
N LYS B 146 1.67 10.02 -20.20
CA LYS B 146 0.52 9.18 -20.54
C LYS B 146 -0.56 9.25 -19.47
N LYS B 147 -0.16 9.57 -18.25
CA LYS B 147 -1.12 9.65 -17.15
C LYS B 147 -0.51 10.21 -15.88
N VAL B 148 -1.29 10.97 -15.14
CA VAL B 148 -0.83 11.52 -13.87
C VAL B 148 -1.68 11.00 -12.71
N ASN B 149 -1.03 10.36 -11.74
CA ASN B 149 -1.71 9.84 -10.54
C ASN B 149 -1.30 10.78 -9.39
N PRO B 150 -2.07 11.86 -9.21
CA PRO B 150 -1.80 12.85 -8.17
C PRO B 150 -2.12 12.50 -6.72
N GLU B 151 -2.46 11.24 -6.43
CA GLU B 151 -2.78 10.88 -5.04
C GLU B 151 -1.66 11.30 -4.08
N ILE B 152 -0.41 10.99 -4.45
CA ILE B 152 0.73 11.31 -3.61
C ILE B 152 0.82 12.81 -3.33
N LEU B 153 0.53 13.63 -4.34
CA LEU B 153 0.57 15.07 -4.17
C LEU B 153 -0.55 15.53 -3.20
N HIS B 154 -1.71 14.88 -3.25
CA HIS B 154 -2.79 15.25 -2.32
C HIS B 154 -2.39 14.87 -0.91
N ALA B 155 -1.77 13.71 -0.75
CA ALA B 155 -1.35 13.26 0.57
C ALA B 155 -0.35 14.23 1.18
N LEU B 156 0.48 14.84 0.33
CA LEU B 156 1.50 15.74 0.81
C LEU B 156 0.98 17.14 1.14
N ILE B 157 0.33 17.80 0.18
CA ILE B 157 -0.16 19.13 0.43
C ILE B 157 -1.20 19.13 1.53
N GLU B 158 -1.90 18.01 1.67
CA GLU B 158 -2.93 17.88 2.69
C GLU B 158 -2.32 17.86 4.10
N ASN B 159 -1.03 17.55 4.18
CA ASN B 159 -0.32 17.50 5.44
C ASN B 159 0.72 18.61 5.55
N ASP B 160 0.52 19.67 4.78
CA ASP B 160 1.37 20.84 4.83
C ASP B 160 2.79 20.68 4.30
N TYR B 161 2.95 19.85 3.26
CA TYR B 161 4.28 19.64 2.67
C TYR B 161 4.26 20.23 1.27
N ILE B 162 5.37 20.82 0.87
CA ILE B 162 5.50 21.38 -0.47
C ILE B 162 6.28 20.39 -1.34
N PRO B 163 5.57 19.76 -2.27
CA PRO B 163 6.22 18.88 -3.24
C PRO B 163 7.22 19.58 -4.12
N VAL B 164 8.39 18.97 -4.32
CA VAL B 164 9.38 19.49 -5.27
C VAL B 164 9.56 18.36 -6.27
N ILE B 165 9.06 18.55 -7.48
CA ILE B 165 9.07 17.44 -8.45
C ILE B 165 10.08 17.53 -9.56
N ALA B 166 10.82 16.44 -9.77
CA ALA B 166 11.80 16.37 -10.83
C ALA B 166 11.08 15.67 -12.00
N PRO B 167 11.21 16.19 -13.22
CA PRO B 167 10.58 15.67 -14.45
C PRO B 167 11.07 14.34 -15.01
N VAL B 168 10.88 13.26 -14.26
CA VAL B 168 11.30 11.96 -14.72
C VAL B 168 10.08 11.08 -14.57
N GLY B 169 9.67 10.43 -15.65
CA GLY B 169 8.49 9.59 -15.59
C GLY B 169 8.81 8.11 -15.66
N ILE B 170 7.82 7.30 -15.24
CA ILE B 170 7.95 5.85 -15.24
C ILE B 170 7.05 5.27 -16.33
N GLY B 171 7.56 4.28 -17.07
CA GLY B 171 6.77 3.64 -18.11
C GLY B 171 6.33 2.28 -17.59
N GLU B 172 5.29 1.70 -18.16
CA GLU B 172 4.81 0.37 -17.72
C GLU B 172 5.93 -0.66 -17.83
N ASP B 173 6.75 -0.51 -18.88
CA ASP B 173 7.88 -1.39 -19.11
C ASP B 173 8.85 -1.25 -17.94
N GLY B 174 8.46 -0.42 -16.97
CA GLY B 174 9.28 -0.17 -15.80
C GLY B 174 10.40 0.84 -15.98
N HIS B 175 10.83 1.06 -17.22
CA HIS B 175 11.93 1.98 -17.47
C HIS B 175 11.56 3.44 -17.20
N SER B 176 12.56 4.29 -17.06
CA SER B 176 12.29 5.70 -16.77
C SER B 176 12.55 6.61 -17.98
N TYR B 177 11.75 7.68 -18.09
CA TYR B 177 11.87 8.59 -19.21
C TYR B 177 12.06 10.02 -18.78
N ASN B 178 12.72 10.80 -19.64
CA ASN B 178 12.92 12.20 -19.37
C ASN B 178 11.70 12.91 -19.92
N ILE B 179 11.27 13.96 -19.23
CA ILE B 179 10.08 14.70 -19.64
C ILE B 179 10.30 16.19 -19.57
N ASN B 180 9.86 16.88 -20.61
CA ASN B 180 9.97 18.33 -20.70
C ASN B 180 9.31 18.88 -19.45
N ALA B 181 10.02 19.75 -18.73
CA ALA B 181 9.51 20.30 -17.46
C ALA B 181 8.23 21.13 -17.57
N ASP B 182 8.14 21.98 -18.58
CA ASP B 182 6.95 22.78 -18.78
C ASP B 182 5.73 21.88 -18.93
N THR B 183 5.87 20.88 -19.80
CA THR B 183 4.79 19.94 -20.05
C THR B 183 4.40 19.21 -18.79
N ALA B 184 5.39 18.71 -18.06
CA ALA B 184 5.12 17.98 -16.84
C ALA B 184 4.39 18.88 -15.84
N ALA B 185 4.88 20.11 -15.67
CA ALA B 185 4.23 21.01 -14.74
C ALA B 185 2.79 21.31 -15.19
N ALA B 186 2.57 21.41 -16.49
CA ALA B 186 1.22 21.69 -16.99
C ALA B 186 0.30 20.48 -16.78
N GLU B 187 0.80 19.29 -17.12
CA GLU B 187 0.04 18.06 -16.94
C GLU B 187 -0.25 17.83 -15.47
N ILE B 188 0.67 18.25 -14.62
CA ILE B 188 0.44 18.07 -13.20
C ILE B 188 -0.63 19.06 -12.71
N ALA B 189 -0.65 20.28 -13.23
CA ALA B 189 -1.69 21.22 -12.80
C ALA B 189 -3.07 20.79 -13.32
N LYS B 190 -3.15 20.35 -14.59
CA LYS B 190 -4.43 19.89 -15.15
C LYS B 190 -5.04 18.77 -14.28
N SER B 191 -4.24 17.78 -13.94
CA SER B 191 -4.71 16.65 -13.15
C SER B 191 -5.18 17.02 -11.75
N LEU B 192 -4.83 18.22 -11.32
CA LEU B 192 -5.23 18.69 -10.00
C LEU B 192 -6.31 19.77 -10.10
N MET B 193 -6.63 20.21 -11.30
CA MET B 193 -7.62 21.28 -11.49
C MET B 193 -7.08 22.44 -10.66
N ALA B 194 -5.76 22.59 -10.67
CA ALA B 194 -5.08 23.64 -9.93
C ALA B 194 -5.51 25.07 -10.28
N GLU B 195 -5.57 25.90 -9.26
CA GLU B 195 -5.95 27.29 -9.42
C GLU B 195 -5.03 28.02 -10.40
N LYS B 196 -3.72 27.93 -10.18
CA LYS B 196 -2.74 28.59 -11.03
C LYS B 196 -1.59 27.70 -11.47
N LEU B 197 -1.02 28.05 -12.60
CA LEU B 197 0.19 27.43 -13.13
C LEU B 197 1.10 28.61 -13.40
N ILE B 198 2.23 28.67 -12.71
CA ILE B 198 3.16 29.78 -12.87
C ILE B 198 4.46 29.35 -13.58
N LEU B 199 4.67 29.89 -14.79
CA LEU B 199 5.86 29.58 -15.58
C LEU B 199 6.87 30.72 -15.55
N LEU B 200 7.99 30.51 -14.86
CA LEU B 200 9.05 31.52 -14.78
C LEU B 200 9.91 31.43 -16.04
N THR B 201 10.16 32.56 -16.69
CA THR B 201 10.96 32.58 -17.90
C THR B 201 12.02 33.67 -17.88
N ASP B 202 12.67 33.89 -19.02
CA ASP B 202 13.72 34.90 -19.15
C ASP B 202 13.22 36.20 -19.74
N VAL B 203 11.92 36.44 -19.65
CA VAL B 203 11.33 37.66 -20.19
C VAL B 203 10.22 38.18 -19.31
N ASP B 204 9.78 39.40 -19.57
CA ASP B 204 8.71 40.01 -18.80
C ASP B 204 7.39 39.28 -19.01
N GLY B 205 7.20 38.69 -20.19
CA GLY B 205 5.97 37.99 -20.48
C GLY B 205 5.78 38.05 -21.97
N VAL B 206 4.55 37.98 -22.48
CA VAL B 206 4.29 38.07 -23.91
C VAL B 206 4.31 39.54 -24.31
N LEU B 207 5.16 39.90 -25.28
CA LEU B 207 5.28 41.27 -25.75
C LEU B 207 4.69 41.48 -27.13
N LYS B 208 3.62 42.28 -27.17
CA LYS B 208 3.02 42.64 -28.46
C LYS B 208 3.92 43.70 -29.09
N ASP B 209 5.21 43.46 -28.79
CA ASP B 209 6.41 44.15 -29.33
C ASP B 209 6.77 45.54 -28.85
N GLY B 210 7.70 45.58 -27.91
CA GLY B 210 8.13 46.81 -27.32
C GLY B 210 7.28 47.03 -26.07
N LYS B 211 6.16 46.32 -26.01
CA LYS B 211 5.26 46.44 -24.88
C LYS B 211 4.83 45.07 -24.35
N LEU B 212 4.58 45.00 -23.05
CA LEU B 212 4.15 43.77 -22.40
C LEU B 212 2.62 43.68 -22.35
N ILE B 213 2.07 42.57 -22.82
CA ILE B 213 0.62 42.40 -22.80
C ILE B 213 0.28 41.76 -21.45
N SER B 214 -0.38 42.55 -20.60
CA SER B 214 -0.75 42.11 -19.25
C SER B 214 -1.72 40.94 -19.12
N THR B 215 -2.76 40.89 -19.96
CA THR B 215 -3.75 39.81 -19.92
C THR B 215 -4.07 39.28 -21.31
N LEU B 216 -4.52 38.03 -21.37
CA LEU B 216 -4.88 37.38 -22.63
C LEU B 216 -5.83 36.21 -22.36
N THR B 217 -6.48 35.73 -23.41
CA THR B 217 -7.36 34.59 -23.25
C THR B 217 -6.67 33.53 -24.07
N PRO B 218 -7.01 32.26 -23.85
CA PRO B 218 -6.36 31.21 -24.63
C PRO B 218 -6.45 31.47 -26.14
N ASP B 219 -7.62 31.92 -26.61
CA ASP B 219 -7.78 32.20 -28.04
C ASP B 219 -6.87 33.33 -28.52
N GLU B 220 -6.78 34.40 -27.74
CA GLU B 220 -5.93 35.53 -28.10
C GLU B 220 -4.45 35.12 -28.08
N ALA B 221 -4.11 34.13 -27.26
CA ALA B 221 -2.73 33.68 -27.18
C ALA B 221 -2.34 32.94 -28.46
N GLU B 222 -3.19 32.04 -28.93
CA GLU B 222 -2.90 31.30 -30.15
C GLU B 222 -2.84 32.21 -31.36
N GLU B 223 -3.78 33.14 -31.43
CA GLU B 223 -3.84 34.06 -32.54
C GLU B 223 -2.49 34.74 -32.73
N LEU B 224 -1.81 35.03 -31.63
CA LEU B 224 -0.51 35.70 -31.68
C LEU B 224 0.62 34.79 -32.14
N ILE B 225 0.35 33.49 -32.13
CA ILE B 225 1.32 32.51 -32.60
C ILE B 225 1.06 32.37 -34.09
N ARG B 226 -0.22 32.45 -34.48
CA ARG B 226 -0.60 32.38 -35.90
C ARG B 226 -0.15 33.63 -36.67
N ASP B 227 -0.44 34.81 -36.13
CA ASP B 227 -0.05 36.04 -36.82
C ASP B 227 1.45 36.34 -36.69
N GLY B 228 2.19 35.41 -36.08
CA GLY B 228 3.63 35.58 -35.96
C GLY B 228 4.20 36.58 -34.96
N THR B 229 3.42 37.00 -33.97
CA THR B 229 3.95 37.93 -32.97
C THR B 229 4.80 37.12 -32.00
N VAL B 230 4.28 35.98 -31.60
CA VAL B 230 4.96 35.10 -30.67
C VAL B 230 5.90 34.17 -31.43
N THR B 231 7.20 34.29 -31.18
CA THR B 231 8.21 33.43 -31.83
C THR B 231 9.31 32.96 -30.87
N GLY B 232 10.11 32.01 -31.34
CA GLY B 232 11.20 31.51 -30.52
C GLY B 232 10.85 30.40 -29.58
N GLY B 233 11.40 30.48 -28.37
CA GLY B 233 11.15 29.46 -27.37
C GLY B 233 9.91 29.83 -26.59
N MET B 234 9.45 31.06 -26.82
CA MET B 234 8.26 31.56 -26.15
C MET B 234 7.00 30.91 -26.72
N ILE B 235 7.10 30.28 -27.90
CA ILE B 235 5.96 29.63 -28.55
C ILE B 235 5.49 28.41 -27.78
N PRO B 236 6.43 27.53 -27.43
CA PRO B 236 6.11 26.32 -26.67
C PRO B 236 5.59 26.62 -25.27
N LYS B 237 5.99 27.75 -24.70
CA LYS B 237 5.52 28.11 -23.37
C LYS B 237 4.06 28.52 -23.40
N VAL B 238 3.77 29.53 -24.22
CA VAL B 238 2.41 30.01 -24.36
C VAL B 238 1.52 28.84 -24.78
N GLU B 239 2.00 28.03 -25.71
CA GLU B 239 1.20 26.90 -26.15
C GLU B 239 0.91 25.96 -24.96
N CYS B 240 1.83 25.92 -24.01
CA CYS B 240 1.69 25.10 -22.82
C CYS B 240 0.64 25.74 -21.89
N ALA B 241 0.71 27.06 -21.74
CA ALA B 241 -0.24 27.80 -20.92
C ALA B 241 -1.67 27.68 -21.46
N VAL B 242 -1.81 27.74 -22.78
CA VAL B 242 -3.12 27.61 -23.42
C VAL B 242 -3.72 26.25 -23.11
N SER B 243 -2.92 25.20 -23.25
CA SER B 243 -3.40 23.85 -22.98
C SER B 243 -3.81 23.69 -21.55
N ALA B 244 -2.95 24.14 -20.64
CA ALA B 244 -3.23 24.02 -19.22
C ALA B 244 -4.59 24.66 -18.91
N VAL B 245 -4.76 25.91 -19.31
CA VAL B 245 -6.01 26.62 -19.06
C VAL B 245 -7.23 25.94 -19.66
N ARG B 246 -7.13 25.43 -20.89
CA ARG B 246 -8.26 24.76 -21.54
C ARG B 246 -8.48 23.39 -20.93
N GLY B 247 -7.55 22.97 -20.07
CA GLY B 247 -7.63 21.68 -19.43
C GLY B 247 -8.18 21.73 -18.02
N GLY B 248 -8.61 22.92 -17.60
CA GLY B 248 -9.16 23.07 -16.26
C GLY B 248 -8.40 23.89 -15.23
N VAL B 249 -7.32 24.53 -15.64
CA VAL B 249 -6.53 25.32 -14.71
C VAL B 249 -7.08 26.74 -14.64
N GLY B 250 -7.24 27.26 -13.43
CA GLY B 250 -7.76 28.61 -13.25
C GLY B 250 -7.12 29.66 -14.15
N ALA B 251 -5.79 29.73 -14.12
CA ALA B 251 -5.08 30.68 -14.94
C ALA B 251 -3.60 30.36 -14.93
N VAL B 252 -2.91 30.76 -16.00
CA VAL B 252 -1.48 30.53 -16.11
C VAL B 252 -0.81 31.88 -16.19
N HIS B 253 0.26 32.06 -15.42
CA HIS B 253 1.01 33.32 -15.41
C HIS B 253 2.40 33.12 -15.96
N ILE B 254 2.74 33.83 -17.04
CA ILE B 254 4.08 33.74 -17.59
C ILE B 254 4.79 34.97 -17.05
N ILE B 255 5.87 34.79 -16.31
CA ILE B 255 6.59 35.94 -15.75
C ILE B 255 8.12 35.82 -15.80
N ASN B 256 8.81 36.92 -15.50
CA ASN B 256 10.27 36.96 -15.55
C ASN B 256 10.93 36.40 -14.30
N GLY B 257 11.68 35.32 -14.46
CA GLY B 257 12.35 34.73 -13.31
C GLY B 257 13.50 35.57 -12.78
N GLY B 258 14.03 36.43 -13.64
CA GLY B 258 15.14 37.28 -13.25
C GLY B 258 14.67 38.48 -12.46
N LEU B 259 13.35 38.60 -12.32
CA LEU B 259 12.78 39.71 -11.57
C LEU B 259 12.61 39.33 -10.11
N GLU B 260 13.21 40.11 -9.22
CA GLU B 260 13.10 39.84 -7.81
C GLU B 260 11.67 39.90 -7.33
N HIS B 261 11.24 38.86 -6.63
CA HIS B 261 9.88 38.78 -6.10
C HIS B 261 8.84 38.86 -7.21
N ALA B 262 9.20 38.38 -8.39
CA ALA B 262 8.26 38.39 -9.51
C ALA B 262 6.95 37.73 -9.05
N ILE B 263 7.07 36.58 -8.38
CA ILE B 263 5.93 35.84 -7.86
C ILE B 263 5.12 36.64 -6.85
N LEU B 264 5.80 37.26 -5.91
CA LEU B 264 5.11 38.07 -4.91
C LEU B 264 4.35 39.25 -5.58
N LEU B 265 4.99 39.91 -6.54
CA LEU B 265 4.37 41.05 -7.22
C LEU B 265 3.23 40.67 -8.16
N GLU B 266 3.28 39.46 -8.69
CA GLU B 266 2.26 39.02 -9.65
C GLU B 266 0.98 38.54 -9.02
N ILE B 267 1.10 38.00 -7.81
CA ILE B 267 -0.05 37.46 -7.09
C ILE B 267 -0.74 38.36 -6.07
N PHE B 268 -0.02 39.33 -5.53
CA PHE B 268 -0.62 40.21 -4.53
C PHE B 268 -0.92 41.63 -4.97
N SER B 269 -0.85 41.86 -6.27
CA SER B 269 -1.15 43.18 -6.83
C SER B 269 -2.21 42.87 -7.88
N ARG B 270 -2.98 43.86 -8.30
CA ARG B 270 -4.01 43.59 -9.31
C ARG B 270 -3.46 43.68 -10.73
N LYS B 271 -2.44 44.50 -10.94
CA LYS B 271 -1.85 44.64 -12.26
C LYS B 271 -0.83 43.55 -12.61
N GLY B 272 -0.11 43.06 -11.61
CA GLY B 272 0.87 42.04 -11.89
C GLY B 272 2.16 42.62 -12.43
N ILE B 273 2.97 41.77 -13.04
CA ILE B 273 4.23 42.20 -13.59
C ILE B 273 4.63 41.29 -14.75
N GLY B 274 3.66 40.49 -15.21
CA GLY B 274 3.91 39.59 -16.31
C GLY B 274 2.64 39.46 -17.12
N THR B 275 2.48 38.32 -17.78
CA THR B 275 1.28 38.09 -18.58
C THR B 275 0.42 37.00 -17.95
N MET B 276 -0.89 37.21 -17.90
CA MET B 276 -1.77 36.19 -17.35
C MET B 276 -2.73 35.72 -18.44
N ILE B 277 -2.80 34.41 -18.65
CA ILE B 277 -3.68 33.86 -19.67
C ILE B 277 -4.86 33.23 -18.94
N LYS B 278 -6.07 33.51 -19.40
CA LYS B 278 -7.24 32.92 -18.78
C LYS B 278 -8.53 33.15 -19.55
N GLU B 279 -9.44 32.20 -19.43
CA GLU B 279 -10.74 32.29 -20.08
C GLU B 279 -11.50 33.42 -19.42
N LEU B 280 -12.41 34.04 -20.16
CA LEU B 280 -13.22 35.11 -19.61
C LEU B 280 -14.32 34.45 -18.79
N GLU B 281 -14.90 35.23 -17.89
CA GLU B 281 -16.03 34.80 -17.14
C GLU B 281 -17.14 34.65 -18.19
N GLY B 282 -17.94 33.61 -18.20
CA GLY B 282 -18.91 33.62 -19.29
C GLY B 282 -19.77 32.38 -19.24
N MET C 1 9.79 -28.48 5.34
CA MET C 1 10.81 -27.87 4.43
C MET C 1 10.51 -26.40 4.18
N ARG C 2 11.57 -25.64 3.91
CA ARG C 2 11.46 -24.21 3.66
C ARG C 2 10.73 -23.89 2.35
N ILE C 3 10.70 -24.84 1.42
CA ILE C 3 10.02 -24.61 0.15
C ILE C 3 8.52 -24.81 0.29
N ASP C 4 8.11 -25.60 1.28
CA ASP C 4 6.69 -25.84 1.53
C ASP C 4 6.11 -24.55 2.12
N THR C 5 6.81 -24.00 3.11
CA THR C 5 6.38 -22.77 3.75
C THR C 5 6.25 -21.65 2.70
N VAL C 6 7.29 -21.48 1.88
CA VAL C 6 7.24 -20.46 0.86
C VAL C 6 6.05 -20.60 -0.09
N ASN C 7 5.88 -21.80 -0.64
CA ASN C 7 4.79 -22.07 -1.57
C ASN C 7 3.41 -21.90 -0.93
N VAL C 8 3.18 -22.57 0.20
CA VAL C 8 1.90 -22.46 0.87
C VAL C 8 1.54 -21.00 1.15
N LEU C 9 2.53 -20.21 1.55
CA LEU C 9 2.29 -18.81 1.85
C LEU C 9 2.11 -17.94 0.60
N LEU C 10 2.93 -18.16 -0.42
CA LEU C 10 2.80 -17.37 -1.64
C LEU C 10 1.45 -17.60 -2.29
N GLU C 11 0.80 -18.69 -1.92
CA GLU C 11 -0.51 -18.98 -2.46
C GLU C 11 -1.56 -18.33 -1.57
N ALA C 12 -1.53 -18.65 -0.29
CA ALA C 12 -2.50 -18.13 0.66
C ALA C 12 -2.50 -16.61 0.87
N LEU C 13 -1.35 -16.02 1.16
CA LEU C 13 -1.26 -14.57 1.41
C LEU C 13 -2.08 -13.68 0.46
N PRO C 14 -2.16 -14.04 -0.83
CA PRO C 14 -2.95 -13.21 -1.75
C PRO C 14 -4.45 -13.24 -1.44
N TYR C 15 -4.96 -14.42 -1.11
CA TYR C 15 -6.38 -14.58 -0.74
C TYR C 15 -6.64 -13.77 0.52
N ILE C 16 -5.62 -13.67 1.36
CA ILE C 16 -5.71 -12.92 2.60
C ILE C 16 -5.99 -11.45 2.27
N LYS C 17 -5.37 -11.00 1.18
CA LYS C 17 -5.51 -9.62 0.73
C LYS C 17 -6.91 -9.32 0.21
N GLU C 18 -7.43 -10.22 -0.61
CA GLU C 18 -8.73 -10.01 -1.18
C GLU C 18 -9.92 -10.44 -0.31
N PHE C 19 -9.69 -11.27 0.70
CA PHE C 19 -10.80 -11.70 1.55
C PHE C 19 -10.89 -10.85 2.82
N TYR C 20 -9.90 -9.98 2.99
CA TYR C 20 -9.87 -9.12 4.16
C TYR C 20 -11.16 -8.28 4.21
N GLY C 21 -11.83 -8.33 5.36
CA GLY C 21 -13.05 -7.56 5.53
C GLY C 21 -14.34 -8.15 4.98
N LYS C 22 -14.25 -9.17 4.15
CA LYS C 22 -15.45 -9.79 3.56
C LYS C 22 -16.20 -10.72 4.51
N THR C 23 -17.41 -11.11 4.12
CA THR C 23 -18.27 -11.99 4.93
C THR C 23 -18.46 -13.37 4.33
N PHE C 24 -18.35 -14.40 5.17
CA PHE C 24 -18.54 -15.80 4.75
C PHE C 24 -19.64 -16.41 5.60
N VAL C 25 -20.65 -17.00 4.96
CA VAL C 25 -21.73 -17.65 5.69
C VAL C 25 -21.39 -19.14 5.62
N ILE C 26 -21.43 -19.85 6.74
CA ILE C 26 -21.05 -21.26 6.74
C ILE C 26 -22.08 -22.17 7.41
N LYS C 27 -22.58 -23.14 6.66
CA LYS C 27 -23.56 -24.11 7.14
C LYS C 27 -22.88 -25.29 7.83
N PHE C 28 -23.03 -25.34 9.15
CA PHE C 28 -22.45 -26.39 9.99
C PHE C 28 -23.38 -27.62 9.92
N GLY C 29 -23.13 -28.49 8.95
CA GLY C 29 -23.96 -29.68 8.77
C GLY C 29 -23.76 -30.82 9.77
N GLY C 30 -24.35 -31.97 9.48
CA GLY C 30 -24.23 -33.13 10.35
C GLY C 30 -22.87 -33.82 10.35
N SER C 31 -22.26 -33.94 9.17
CA SER C 31 -20.96 -34.58 9.01
C SER C 31 -19.88 -34.07 9.98
N ALA C 32 -19.37 -32.87 9.72
CA ALA C 32 -18.32 -32.26 10.53
C ALA C 32 -18.72 -32.04 11.99
N MET C 33 -19.98 -32.26 12.31
CA MET C 33 -20.48 -32.07 13.68
C MET C 33 -20.34 -33.39 14.42
N LYS C 34 -19.93 -34.45 13.71
CA LYS C 34 -19.82 -35.77 14.31
C LYS C 34 -18.46 -36.22 14.93
N GLN C 35 -17.46 -36.56 14.14
CA GLN C 35 -16.16 -37.11 14.63
C GLN C 35 -15.24 -36.14 15.40
N GLU C 36 -15.21 -36.20 16.74
CA GLU C 36 -14.37 -35.31 17.60
C GLU C 36 -13.15 -34.64 16.89
N ASN C 37 -12.45 -35.25 15.91
CA ASN C 37 -11.30 -34.56 15.28
C ASN C 37 -11.75 -33.71 14.07
N ALA C 38 -12.89 -34.08 13.48
CA ALA C 38 -13.45 -33.28 12.38
C ALA C 38 -14.02 -32.00 12.98
N LYS C 39 -14.61 -32.15 14.16
CA LYS C 39 -15.23 -31.06 14.90
C LYS C 39 -14.20 -30.07 15.44
N LYS C 40 -13.07 -30.61 15.91
CA LYS C 40 -12.00 -29.78 16.46
C LYS C 40 -11.43 -28.87 15.39
N ALA C 41 -11.20 -29.43 14.21
CA ALA C 41 -10.64 -28.68 13.10
C ALA C 41 -11.56 -27.55 12.66
N PHE C 42 -12.86 -27.81 12.62
CA PHE C 42 -13.82 -26.81 12.20
C PHE C 42 -13.77 -25.56 13.09
N ILE C 43 -13.85 -25.75 14.39
CA ILE C 43 -13.83 -24.64 15.31
C ILE C 43 -12.54 -23.85 15.18
N GLN C 44 -11.50 -24.52 14.71
CA GLN C 44 -10.20 -23.88 14.56
C GLN C 44 -10.16 -23.02 13.29
N ASP C 45 -10.64 -23.60 12.19
CA ASP C 45 -10.66 -22.88 10.92
C ASP C 45 -11.43 -21.59 11.04
N ILE C 46 -12.58 -21.66 11.71
CA ILE C 46 -13.43 -20.50 11.91
C ILE C 46 -12.63 -19.39 12.59
N ILE C 47 -11.86 -19.74 13.62
CA ILE C 47 -11.05 -18.76 14.32
C ILE C 47 -9.99 -18.17 13.42
N LEU C 48 -9.31 -19.01 12.63
CA LEU C 48 -8.27 -18.50 11.75
C LEU C 48 -8.84 -17.62 10.65
N LEU C 49 -10.09 -17.87 10.26
CA LEU C 49 -10.69 -17.02 9.25
C LEU C 49 -10.79 -15.62 9.88
N LYS C 50 -11.16 -15.59 11.16
CA LYS C 50 -11.30 -14.36 11.94
C LYS C 50 -9.96 -13.64 12.08
N TYR C 51 -8.88 -14.41 12.27
CA TYR C 51 -7.57 -13.81 12.41
C TYR C 51 -7.07 -13.12 11.16
N THR C 52 -7.53 -13.57 10.01
CA THR C 52 -7.08 -12.99 8.75
C THR C 52 -7.92 -11.79 8.29
N GLY C 53 -8.94 -11.45 9.07
CA GLY C 53 -9.78 -10.31 8.73
C GLY C 53 -11.11 -10.63 8.05
N ILE C 54 -11.45 -11.90 7.95
CA ILE C 54 -12.71 -12.29 7.34
C ILE C 54 -13.80 -12.25 8.43
N LYS C 55 -15.04 -12.01 8.05
CA LYS C 55 -16.13 -11.98 9.01
C LYS C 55 -16.99 -13.22 8.83
N PRO C 56 -16.79 -14.25 9.64
CA PRO C 56 -17.63 -15.44 9.48
C PRO C 56 -18.98 -15.38 10.18
N ILE C 57 -19.97 -16.01 9.55
CA ILE C 57 -21.33 -16.11 10.07
C ILE C 57 -21.70 -17.59 9.97
N ILE C 58 -22.17 -18.17 11.06
CA ILE C 58 -22.49 -19.58 11.06
C ILE C 58 -23.97 -19.95 11.23
N VAL C 59 -24.42 -20.86 10.36
CA VAL C 59 -25.80 -21.37 10.38
C VAL C 59 -25.75 -22.89 10.60
N HIS C 60 -26.30 -23.34 11.74
CA HIS C 60 -26.29 -24.77 12.08
C HIS C 60 -27.61 -25.48 11.84
N GLY C 61 -27.57 -26.80 11.88
CA GLY C 61 -28.79 -27.56 11.67
C GLY C 61 -29.16 -28.30 12.94
N GLY C 62 -29.94 -29.38 12.81
CA GLY C 62 -30.34 -30.15 13.97
C GLY C 62 -30.35 -31.63 13.64
N GLY C 63 -31.53 -32.26 13.70
CA GLY C 63 -31.62 -33.67 13.38
C GLY C 63 -31.62 -34.61 14.55
N PRO C 64 -30.49 -35.30 14.82
CA PRO C 64 -30.33 -36.25 15.92
C PRO C 64 -30.92 -35.83 17.27
N ALA C 65 -30.33 -34.82 17.89
CA ALA C 65 -30.77 -34.33 19.19
C ALA C 65 -32.28 -34.13 19.25
N ILE C 66 -32.86 -33.67 18.15
CA ILE C 66 -34.30 -33.45 18.09
C ILE C 66 -35.06 -34.77 18.17
N SER C 67 -34.81 -35.65 17.19
CA SER C 67 -35.45 -36.95 17.11
C SER C 67 -35.47 -37.67 18.46
N GLN C 68 -34.34 -37.61 19.17
CA GLN C 68 -34.22 -38.24 20.48
C GLN C 68 -35.09 -37.50 21.51
N MET C 69 -35.34 -36.22 21.27
CA MET C 69 -36.15 -35.39 22.16
C MET C 69 -37.64 -35.61 21.91
N MET C 70 -38.01 -35.90 20.67
CA MET C 70 -39.41 -36.18 20.35
C MET C 70 -39.72 -37.34 21.30
N LYS C 71 -39.25 -38.50 20.87
CA LYS C 71 -39.37 -39.77 21.56
C LYS C 71 -39.16 -39.77 23.08
N ASP C 72 -38.21 -39.00 23.60
CA ASP C 72 -38.02 -38.96 25.07
C ASP C 72 -39.21 -38.28 25.72
N LEU C 73 -39.85 -37.40 24.96
CA LEU C 73 -40.99 -36.61 25.42
C LEU C 73 -42.27 -37.37 25.16
N GLY C 74 -42.15 -38.67 24.94
CA GLY C 74 -43.30 -39.53 24.67
C GLY C 74 -43.99 -39.24 23.34
N ILE C 75 -43.38 -38.40 22.53
CA ILE C 75 -43.99 -38.07 21.25
C ILE C 75 -43.27 -38.75 20.11
N GLU C 76 -44.05 -39.46 19.30
CA GLU C 76 -43.52 -40.15 18.13
C GLU C 76 -43.63 -39.23 16.92
N PRO C 77 -42.59 -39.21 16.07
CA PRO C 77 -42.59 -38.36 14.86
C PRO C 77 -43.88 -38.53 14.08
N VAL C 78 -44.77 -37.55 14.20
CA VAL C 78 -46.07 -37.54 13.52
C VAL C 78 -45.94 -37.28 12.02
N PHE C 79 -46.92 -37.78 11.26
CA PHE C 79 -46.99 -37.63 9.80
C PHE C 79 -48.45 -37.35 9.40
N LYS C 80 -48.69 -37.05 8.17
CA LYS C 80 -50.03 -36.84 7.65
C LYS C 80 -49.76 -37.14 6.22
N ASN C 81 -48.97 -36.27 5.70
CA ASN C 81 -48.40 -36.71 4.49
C ASN C 81 -48.18 -35.82 3.34
N GLY C 82 -46.89 -35.94 3.13
CA GLY C 82 -46.00 -35.35 2.20
C GLY C 82 -44.57 -35.50 2.81
N HIS C 83 -44.48 -36.01 4.06
CA HIS C 83 -43.25 -36.19 4.85
C HIS C 83 -43.70 -36.10 6.25
N ARG C 84 -42.81 -35.68 7.07
CA ARG C 84 -43.20 -35.46 8.43
C ARG C 84 -44.18 -34.32 8.51
N VAL C 85 -44.43 -33.97 9.74
CA VAL C 85 -45.31 -32.86 10.09
C VAL C 85 -44.78 -32.24 11.35
N THR C 86 -44.97 -30.93 11.50
CA THR C 86 -44.50 -30.22 12.69
C THR C 86 -45.64 -29.46 13.39
N ASP C 87 -46.57 -30.18 14.00
CA ASP C 87 -47.66 -29.51 14.68
C ASP C 87 -47.11 -28.65 15.83
N GLU C 88 -47.95 -27.79 16.38
CA GLU C 88 -47.56 -26.90 17.46
C GLU C 88 -46.69 -27.52 18.55
N LYS C 89 -47.01 -28.74 18.96
CA LYS C 89 -46.23 -29.41 20.00
C LYS C 89 -44.83 -29.80 19.47
N THR C 90 -44.77 -30.27 18.22
CA THR C 90 -43.50 -30.69 17.61
C THR C 90 -42.59 -29.48 17.36
N MET C 91 -43.17 -28.35 16.96
CA MET C 91 -42.39 -27.15 16.71
C MET C 91 -41.68 -26.68 17.97
N GLU C 92 -42.46 -26.36 19.00
CA GLU C 92 -41.89 -25.89 20.25
C GLU C 92 -40.68 -26.73 20.68
N ILE C 93 -40.77 -28.05 20.53
CA ILE C 93 -39.65 -28.91 20.89
C ILE C 93 -38.49 -28.61 19.95
N VAL C 94 -38.76 -28.57 18.66
CA VAL C 94 -37.74 -28.28 17.66
C VAL C 94 -36.99 -26.98 17.98
N GLU C 95 -37.73 -25.91 18.21
CA GLU C 95 -37.15 -24.63 18.52
C GLU C 95 -36.33 -24.71 19.81
N MET C 96 -36.71 -25.64 20.69
CA MET C 96 -36.00 -25.79 21.96
C MET C 96 -34.64 -26.49 21.83
N VAL C 97 -34.52 -27.41 20.87
CA VAL C 97 -33.27 -28.14 20.67
C VAL C 97 -32.31 -27.35 19.78
N LEU C 98 -32.88 -26.67 18.78
CA LEU C 98 -32.10 -25.88 17.85
C LEU C 98 -31.49 -24.65 18.54
N VAL C 99 -32.32 -23.96 19.31
CA VAL C 99 -31.89 -22.75 20.00
C VAL C 99 -31.38 -22.98 21.43
N GLY C 100 -32.11 -23.76 22.21
CA GLY C 100 -31.73 -24.01 23.58
C GLY C 100 -30.56 -24.95 23.83
N LYS C 101 -30.39 -25.95 22.97
CA LYS C 101 -29.29 -26.88 23.20
C LYS C 101 -28.17 -26.72 22.20
N ILE C 102 -28.43 -27.08 20.95
CA ILE C 102 -27.42 -27.01 19.89
C ILE C 102 -26.71 -25.65 19.72
N ASN C 103 -27.47 -24.60 19.41
CA ASN C 103 -26.91 -23.28 19.22
C ASN C 103 -25.91 -22.87 20.31
N LYS C 104 -26.19 -23.23 21.57
CA LYS C 104 -25.28 -22.88 22.67
C LYS C 104 -24.05 -23.77 22.76
N GLU C 105 -24.12 -24.97 22.18
CA GLU C 105 -23.00 -25.91 22.18
C GLU C 105 -21.91 -25.36 21.27
N ILE C 106 -22.34 -24.77 20.16
CA ILE C 106 -21.45 -24.17 19.18
C ILE C 106 -20.82 -22.87 19.67
N VAL C 107 -21.60 -22.06 20.37
CA VAL C 107 -21.11 -20.79 20.91
C VAL C 107 -20.13 -21.06 22.06
N MET C 108 -20.48 -22.02 22.91
CA MET C 108 -19.66 -22.40 24.05
C MET C 108 -18.26 -22.83 23.60
N ASN C 109 -18.18 -23.52 22.47
CA ASN C 109 -16.88 -23.97 21.94
C ASN C 109 -16.07 -22.83 21.35
N LEU C 110 -16.63 -22.13 20.36
CA LEU C 110 -15.92 -21.00 19.76
C LEU C 110 -15.37 -20.06 20.84
N ASN C 111 -16.17 -19.78 21.85
CA ASN C 111 -15.80 -18.88 22.94
C ASN C 111 -14.77 -19.43 23.92
N LEU C 112 -14.24 -20.61 23.62
CA LEU C 112 -13.21 -21.22 24.43
C LEU C 112 -11.90 -21.04 23.67
N HIS C 113 -12.03 -20.59 22.43
CA HIS C 113 -10.90 -20.36 21.55
C HIS C 113 -10.96 -18.93 20.96
N GLY C 114 -11.34 -17.96 21.80
CA GLY C 114 -11.41 -16.57 21.38
C GLY C 114 -12.33 -16.20 20.21
N GLY C 115 -13.39 -16.96 20.02
CA GLY C 115 -14.30 -16.69 18.92
C GLY C 115 -15.17 -15.45 19.01
N ARG C 116 -15.55 -15.07 20.23
CA ARG C 116 -16.42 -13.91 20.44
C ARG C 116 -17.74 -14.20 19.71
N ALA C 117 -18.28 -15.38 19.96
CA ALA C 117 -19.50 -15.82 19.32
C ALA C 117 -20.75 -15.46 20.13
N VAL C 118 -21.83 -15.16 19.43
CA VAL C 118 -23.10 -14.86 20.08
C VAL C 118 -24.16 -15.52 19.20
N GLY C 119 -24.89 -16.46 19.81
CA GLY C 119 -25.92 -17.18 19.08
C GLY C 119 -27.28 -16.51 19.06
N ILE C 120 -27.96 -16.65 17.94
CA ILE C 120 -29.28 -16.07 17.77
C ILE C 120 -30.08 -16.91 16.77
N CYS C 121 -31.37 -16.65 16.67
CA CYS C 121 -32.21 -17.37 15.73
C CYS C 121 -32.95 -16.36 14.87
N GLY C 122 -33.67 -16.87 13.87
CA GLY C 122 -34.42 -16.03 12.96
C GLY C 122 -35.41 -15.08 13.61
N LYS C 123 -35.81 -15.38 14.84
CA LYS C 123 -36.75 -14.54 15.57
C LYS C 123 -36.12 -13.25 16.06
N ASP C 124 -34.90 -13.35 16.59
CA ASP C 124 -34.18 -12.18 17.14
C ASP C 124 -34.07 -11.05 16.12
N SER C 125 -34.79 -9.97 16.39
CA SER C 125 -34.83 -8.77 15.54
C SER C 125 -35.46 -9.11 14.20
N LYS C 126 -36.28 -10.16 14.20
CA LYS C 126 -36.96 -10.62 12.99
C LYS C 126 -35.98 -10.81 11.85
N LEU C 127 -34.85 -11.46 12.14
CA LEU C 127 -33.81 -11.72 11.15
C LEU C 127 -34.42 -12.48 9.98
N ILE C 128 -35.09 -13.59 10.28
CA ILE C 128 -35.70 -14.42 9.25
C ILE C 128 -37.23 -14.39 9.35
N VAL C 129 -37.85 -13.67 8.43
CA VAL C 129 -39.31 -13.57 8.39
C VAL C 129 -39.83 -14.67 7.49
N ALA C 130 -40.51 -15.65 8.07
CA ALA C 130 -41.01 -16.77 7.30
C ALA C 130 -42.52 -16.91 7.14
N GLU C 131 -42.90 -17.64 6.09
CA GLU C 131 -44.29 -17.92 5.74
C GLU C 131 -44.56 -19.41 5.62
N LYS C 132 -45.65 -19.85 6.25
CA LYS C 132 -46.03 -21.26 6.26
C LYS C 132 -45.80 -21.93 4.90
N GLU C 133 -45.03 -23.02 4.94
CA GLU C 133 -44.70 -23.79 3.74
C GLU C 133 -45.97 -24.33 3.11
N THR C 134 -46.07 -24.18 1.80
CA THR C 134 -47.25 -24.60 1.08
C THR C 134 -47.06 -25.70 0.03
N LYS C 135 -45.89 -25.73 -0.62
CA LYS C 135 -45.63 -26.72 -1.66
C LYS C 135 -45.85 -28.20 -1.29
N HIS C 136 -46.23 -28.47 -0.04
CA HIS C 136 -46.51 -29.84 0.39
C HIS C 136 -47.69 -29.92 1.33
N GLY C 137 -48.84 -29.46 0.83
CA GLY C 137 -50.07 -29.46 1.62
C GLY C 137 -49.87 -28.73 2.92
N ASP C 138 -50.35 -29.35 4.00
CA ASP C 138 -50.20 -28.76 5.32
C ASP C 138 -49.38 -29.71 6.19
N ILE C 139 -48.07 -29.53 6.13
CA ILE C 139 -47.14 -30.36 6.87
C ILE C 139 -46.70 -29.68 8.16
N GLY C 140 -47.67 -29.22 8.93
CA GLY C 140 -47.36 -28.56 10.18
C GLY C 140 -46.82 -27.16 9.95
N TYR C 141 -45.99 -26.69 10.87
CA TYR C 141 -45.45 -25.34 10.77
C TYR C 141 -44.14 -25.21 10.00
N VAL C 142 -43.87 -26.16 9.12
CA VAL C 142 -42.68 -26.09 8.28
C VAL C 142 -42.89 -24.82 7.46
N GLY C 143 -41.84 -24.03 7.26
CA GLY C 143 -42.00 -22.81 6.50
C GLY C 143 -40.92 -22.47 5.48
N LYS C 144 -41.18 -21.39 4.76
CA LYS C 144 -40.28 -20.88 3.74
C LYS C 144 -39.88 -19.45 4.16
N VAL C 145 -38.79 -18.94 3.58
CA VAL C 145 -38.30 -17.61 3.92
C VAL C 145 -38.90 -16.51 3.05
N LYS C 146 -39.46 -15.48 3.67
CA LYS C 146 -40.06 -14.38 2.92
C LYS C 146 -39.23 -13.11 3.00
N LYS C 147 -38.39 -12.99 4.03
CA LYS C 147 -37.55 -11.80 4.17
C LYS C 147 -36.48 -11.92 5.26
N VAL C 148 -35.33 -11.32 4.96
CA VAL C 148 -34.21 -11.33 5.89
C VAL C 148 -33.85 -9.88 6.22
N ASN C 149 -33.60 -9.63 7.50
CA ASN C 149 -33.24 -8.31 7.98
C ASN C 149 -31.87 -8.43 8.63
N PRO C 150 -30.81 -8.34 7.81
CA PRO C 150 -29.42 -8.45 8.27
C PRO C 150 -28.91 -7.38 9.21
N GLU C 151 -29.70 -6.33 9.46
CA GLU C 151 -29.27 -5.27 10.36
C GLU C 151 -28.54 -5.79 11.60
N ILE C 152 -29.10 -6.81 12.25
CA ILE C 152 -28.48 -7.34 13.44
C ILE C 152 -27.13 -7.95 13.13
N LEU C 153 -27.06 -8.73 12.07
CA LEU C 153 -25.81 -9.37 11.68
C LEU C 153 -24.72 -8.32 11.45
N HIS C 154 -25.04 -7.28 10.68
CA HIS C 154 -24.08 -6.21 10.39
C HIS C 154 -23.55 -5.64 11.69
N ALA C 155 -24.47 -5.27 12.57
CA ALA C 155 -24.14 -4.70 13.87
C ALA C 155 -23.16 -5.57 14.60
N LEU C 156 -23.42 -6.88 14.58
CA LEU C 156 -22.60 -7.86 15.25
C LEU C 156 -21.20 -7.99 14.67
N ILE C 157 -21.10 -8.31 13.39
CA ILE C 157 -19.78 -8.48 12.78
C ILE C 157 -18.92 -7.20 12.73
N GLU C 158 -19.56 -6.05 12.83
CA GLU C 158 -18.82 -4.79 12.79
C GLU C 158 -18.21 -4.54 14.14
N ASN C 159 -18.65 -5.33 15.10
CA ASN C 159 -18.13 -5.21 16.45
C ASN C 159 -17.26 -6.41 16.80
N ASP C 160 -16.81 -7.12 15.76
CA ASP C 160 -15.92 -8.26 15.93
C ASP C 160 -16.57 -9.51 16.57
N TYR C 161 -17.86 -9.69 16.31
CA TYR C 161 -18.60 -10.84 16.84
C TYR C 161 -18.96 -11.85 15.74
N ILE C 162 -19.06 -13.12 16.10
CA ILE C 162 -19.41 -14.18 15.15
C ILE C 162 -20.83 -14.70 15.40
N PRO C 163 -21.77 -14.38 14.49
CA PRO C 163 -23.16 -14.82 14.62
C PRO C 163 -23.33 -16.32 14.45
N VAL C 164 -23.86 -16.99 15.47
CA VAL C 164 -24.14 -18.42 15.35
C VAL C 164 -25.68 -18.45 15.25
N ILE C 165 -26.17 -18.66 14.03
CA ILE C 165 -27.60 -18.65 13.74
C ILE C 165 -28.38 -19.97 13.68
N ALA C 166 -29.52 -20.00 14.38
CA ALA C 166 -30.40 -21.15 14.40
C ALA C 166 -31.51 -20.91 13.34
N PRO C 167 -31.76 -21.90 12.47
CA PRO C 167 -32.74 -21.89 11.38
C PRO C 167 -34.23 -21.63 11.68
N VAL C 168 -34.59 -21.29 12.91
CA VAL C 168 -36.00 -21.04 13.23
C VAL C 168 -36.52 -19.70 12.72
N GLY C 169 -37.56 -19.74 11.89
CA GLY C 169 -38.12 -18.51 11.37
C GLY C 169 -39.27 -17.95 12.19
N ILE C 170 -39.49 -16.64 12.06
CA ILE C 170 -40.58 -15.99 12.77
C ILE C 170 -41.56 -15.45 11.73
N GLY C 171 -42.84 -15.72 11.94
CA GLY C 171 -43.86 -15.28 11.00
C GLY C 171 -44.59 -14.04 11.45
N GLU C 172 -45.13 -13.31 10.48
CA GLU C 172 -45.90 -12.09 10.71
C GLU C 172 -46.91 -12.20 11.87
N ASP C 173 -47.33 -13.43 12.17
CA ASP C 173 -48.28 -13.67 13.25
C ASP C 173 -47.55 -14.03 14.55
N GLY C 174 -46.28 -13.65 14.64
CA GLY C 174 -45.48 -13.93 15.83
C GLY C 174 -45.13 -15.40 15.99
N HIS C 175 -45.84 -16.24 15.24
CA HIS C 175 -45.64 -17.68 15.30
C HIS C 175 -44.26 -18.13 14.81
N SER C 176 -43.87 -19.34 15.20
CA SER C 176 -42.58 -19.90 14.81
C SER C 176 -42.72 -20.92 13.70
N TYR C 177 -41.72 -20.96 12.83
CA TYR C 177 -41.72 -21.91 11.73
C TYR C 177 -40.34 -22.54 11.61
N ASN C 178 -40.31 -23.86 11.41
CA ASN C 178 -39.06 -24.55 11.25
C ASN C 178 -38.62 -24.29 9.81
N ILE C 179 -37.32 -24.13 9.60
CA ILE C 179 -36.81 -23.85 8.26
C ILE C 179 -35.54 -24.66 7.97
N ASN C 180 -35.30 -24.92 6.69
CA ASN C 180 -34.15 -25.68 6.27
C ASN C 180 -32.87 -24.85 6.37
N ALA C 181 -31.99 -25.26 7.28
CA ALA C 181 -30.72 -24.60 7.54
C ALA C 181 -29.99 -24.17 6.27
N ASP C 182 -29.81 -25.10 5.33
CA ASP C 182 -29.13 -24.78 4.09
C ASP C 182 -29.77 -23.60 3.38
N THR C 183 -31.09 -23.62 3.30
CA THR C 183 -31.79 -22.55 2.63
C THR C 183 -31.79 -21.26 3.46
N ALA C 184 -31.74 -21.41 4.78
CA ALA C 184 -31.69 -20.25 5.67
C ALA C 184 -30.32 -19.59 5.41
N ALA C 185 -29.28 -20.42 5.46
CA ALA C 185 -27.91 -19.99 5.23
C ALA C 185 -27.76 -19.33 3.86
N ALA C 186 -28.40 -19.91 2.84
CA ALA C 186 -28.32 -19.35 1.49
C ALA C 186 -29.10 -18.03 1.38
N GLU C 187 -30.21 -17.92 2.09
CA GLU C 187 -31.01 -16.70 2.05
C GLU C 187 -30.30 -15.54 2.75
N ILE C 188 -29.71 -15.82 3.91
CA ILE C 188 -28.99 -14.80 4.64
C ILE C 188 -27.77 -14.34 3.85
N ALA C 189 -27.17 -15.27 3.11
CA ALA C 189 -26.03 -14.95 2.28
C ALA C 189 -26.46 -13.89 1.26
N LYS C 190 -27.46 -14.24 0.45
CA LYS C 190 -27.96 -13.32 -0.57
C LYS C 190 -28.30 -12.00 0.08
N SER C 191 -28.93 -12.07 1.25
CA SER C 191 -29.33 -10.87 1.97
C SER C 191 -28.17 -9.97 2.33
N LEU C 192 -26.97 -10.54 2.45
CA LEU C 192 -25.81 -9.76 2.81
C LEU C 192 -24.94 -9.48 1.61
N MET C 193 -25.16 -10.27 0.56
CA MET C 193 -24.38 -10.18 -0.68
C MET C 193 -22.99 -10.60 -0.24
N ALA C 194 -22.99 -11.64 0.59
CA ALA C 194 -21.78 -12.21 1.15
C ALA C 194 -20.85 -12.62 0.03
N GLU C 195 -19.58 -12.78 0.40
CA GLU C 195 -18.53 -13.19 -0.50
C GLU C 195 -18.60 -14.70 -0.69
N LYS C 196 -19.04 -15.45 0.33
CA LYS C 196 -19.11 -16.90 0.21
C LYS C 196 -20.13 -17.61 1.07
N LEU C 197 -20.58 -18.75 0.58
CA LEU C 197 -21.51 -19.59 1.28
C LEU C 197 -20.87 -20.97 1.29
N ILE C 198 -20.61 -21.53 2.46
CA ILE C 198 -19.99 -22.84 2.54
C ILE C 198 -20.95 -23.90 3.09
N LEU C 199 -21.26 -24.88 2.25
CA LEU C 199 -22.16 -25.96 2.62
C LEU C 199 -21.35 -27.22 2.92
N LEU C 200 -21.31 -27.64 4.18
CA LEU C 200 -20.54 -28.83 4.54
C LEU C 200 -21.37 -30.09 4.43
N THR C 201 -20.98 -30.96 3.51
CA THR C 201 -21.71 -32.18 3.39
C THR C 201 -20.90 -33.38 3.82
N ASP C 202 -21.58 -34.49 3.63
CA ASP C 202 -21.24 -35.86 3.95
C ASP C 202 -20.43 -36.52 2.80
N VAL C 203 -19.69 -35.72 2.03
CA VAL C 203 -18.95 -36.25 0.88
C VAL C 203 -18.19 -35.15 0.12
N ASP C 204 -17.01 -35.47 -0.39
CA ASP C 204 -16.17 -34.51 -1.12
C ASP C 204 -16.91 -33.44 -1.92
N GLY C 205 -18.11 -33.76 -2.38
CA GLY C 205 -18.88 -32.79 -3.12
C GLY C 205 -19.64 -33.44 -4.25
N VAL C 206 -19.53 -32.86 -5.43
CA VAL C 206 -20.19 -33.39 -6.62
C VAL C 206 -19.23 -34.33 -7.38
N LEU C 207 -19.47 -35.64 -7.33
CA LEU C 207 -18.61 -36.62 -7.99
C LEU C 207 -19.04 -37.04 -9.44
N LYS C 208 -18.21 -36.68 -10.44
CA LYS C 208 -18.42 -36.94 -11.90
C LYS C 208 -17.88 -38.30 -12.29
N ASP C 209 -18.62 -39.26 -11.73
CA ASP C 209 -18.39 -40.67 -11.84
C ASP C 209 -17.11 -40.84 -11.02
N GLY C 210 -17.27 -40.93 -9.70
CA GLY C 210 -16.11 -41.08 -8.83
C GLY C 210 -15.29 -39.80 -8.82
N LYS C 211 -14.70 -39.47 -9.97
CA LYS C 211 -13.89 -38.26 -10.13
C LYS C 211 -14.62 -37.02 -9.64
N LEU C 212 -14.00 -36.29 -8.72
CA LEU C 212 -14.61 -35.08 -8.16
C LEU C 212 -14.50 -33.86 -9.08
N ILE C 213 -15.57 -33.09 -9.14
CA ILE C 213 -15.66 -31.88 -9.96
C ILE C 213 -15.13 -30.68 -9.19
N SER C 214 -14.09 -30.03 -9.71
CA SER C 214 -13.51 -28.88 -9.04
C SER C 214 -14.40 -27.63 -9.08
N THR C 215 -14.58 -27.09 -10.29
CA THR C 215 -15.37 -25.89 -10.50
C THR C 215 -16.52 -26.11 -11.47
N LEU C 216 -17.51 -25.22 -11.41
CA LEU C 216 -18.67 -25.28 -12.28
C LEU C 216 -19.25 -23.89 -12.33
N THR C 217 -20.38 -23.74 -13.01
CA THR C 217 -21.09 -22.46 -13.10
C THR C 217 -22.53 -22.82 -12.78
N PRO C 218 -23.37 -21.81 -12.51
CA PRO C 218 -24.77 -22.14 -12.20
C PRO C 218 -25.43 -22.99 -13.28
N ASP C 219 -25.32 -22.54 -14.52
CA ASP C 219 -25.92 -23.22 -15.66
C ASP C 219 -25.41 -24.64 -15.86
N GLU C 220 -24.16 -24.87 -15.51
CA GLU C 220 -23.59 -26.20 -15.67
C GLU C 220 -24.10 -27.13 -14.56
N ALA C 221 -23.99 -26.66 -13.32
CA ALA C 221 -24.42 -27.44 -12.17
C ALA C 221 -25.82 -28.02 -12.32
N GLU C 222 -26.76 -27.21 -12.79
CA GLU C 222 -28.14 -27.65 -12.99
C GLU C 222 -28.21 -28.81 -13.98
N GLU C 223 -27.31 -28.79 -14.95
CA GLU C 223 -27.28 -29.83 -15.98
C GLU C 223 -26.91 -31.22 -15.44
N LEU C 224 -26.17 -31.26 -14.33
CA LEU C 224 -25.80 -32.55 -13.75
C LEU C 224 -26.96 -33.11 -12.93
N ILE C 225 -27.87 -32.23 -12.51
CA ILE C 225 -29.06 -32.65 -11.76
C ILE C 225 -30.09 -33.09 -12.79
N ARG C 226 -29.86 -32.75 -14.06
CA ARG C 226 -30.76 -33.13 -15.15
C ARG C 226 -30.37 -34.49 -15.74
N ASP C 227 -29.11 -34.63 -16.18
CA ASP C 227 -28.67 -35.91 -16.75
C ASP C 227 -28.60 -36.99 -15.68
N GLY C 228 -28.51 -36.58 -14.42
CA GLY C 228 -28.49 -37.55 -13.35
C GLY C 228 -27.17 -37.89 -12.71
N THR C 229 -26.23 -36.95 -12.68
CA THR C 229 -24.97 -37.21 -12.03
C THR C 229 -25.19 -36.89 -10.55
N VAL C 230 -25.82 -35.74 -10.29
CA VAL C 230 -26.13 -35.29 -8.94
C VAL C 230 -27.40 -36.00 -8.46
N THR C 231 -27.21 -37.10 -7.74
CA THR C 231 -28.34 -37.88 -7.25
C THR C 231 -28.41 -37.93 -5.72
N GLY C 232 -29.56 -38.35 -5.22
CA GLY C 232 -29.76 -38.45 -3.79
C GLY C 232 -30.06 -37.12 -3.15
N GLY C 233 -29.51 -36.91 -1.96
CA GLY C 233 -29.73 -35.66 -1.25
C GLY C 233 -28.77 -34.58 -1.71
N MET C 234 -27.89 -34.93 -2.64
CA MET C 234 -26.92 -33.97 -3.18
C MET C 234 -27.60 -33.05 -4.18
N ILE C 235 -28.91 -33.22 -4.34
CA ILE C 235 -29.66 -32.39 -5.27
C ILE C 235 -30.11 -31.14 -4.52
N PRO C 236 -30.77 -31.31 -3.36
CA PRO C 236 -31.23 -30.16 -2.57
C PRO C 236 -30.13 -29.11 -2.36
N LYS C 237 -28.97 -29.56 -1.90
CA LYS C 237 -27.83 -28.68 -1.64
C LYS C 237 -27.38 -27.92 -2.89
N VAL C 238 -26.98 -28.65 -3.92
CA VAL C 238 -26.54 -28.03 -5.17
C VAL C 238 -27.44 -26.88 -5.61
N GLU C 239 -28.73 -27.00 -5.34
CA GLU C 239 -29.66 -25.95 -5.72
C GLU C 239 -29.46 -24.69 -4.91
N CYS C 240 -29.42 -24.82 -3.58
CA CYS C 240 -29.20 -23.66 -2.70
C CYS C 240 -28.00 -22.93 -3.27
N ALA C 241 -26.96 -23.72 -3.54
CA ALA C 241 -25.72 -23.20 -4.10
C ALA C 241 -26.06 -22.28 -5.25
N VAL C 242 -26.80 -22.82 -6.21
CA VAL C 242 -27.20 -22.04 -7.37
C VAL C 242 -27.98 -20.82 -6.91
N SER C 243 -29.10 -21.05 -6.24
CA SER C 243 -29.94 -19.96 -5.74
C SER C 243 -29.08 -18.80 -5.20
N ALA C 244 -28.18 -19.12 -4.27
CA ALA C 244 -27.32 -18.12 -3.66
C ALA C 244 -26.40 -17.41 -4.67
N VAL C 245 -25.73 -18.18 -5.53
CA VAL C 245 -24.83 -17.62 -6.53
C VAL C 245 -25.55 -16.58 -7.39
N ARG C 246 -26.74 -16.92 -7.86
CA ARG C 246 -27.49 -16.02 -8.70
C ARG C 246 -28.04 -14.91 -7.82
N GLY C 247 -28.15 -15.20 -6.52
CA GLY C 247 -28.64 -14.21 -5.58
C GLY C 247 -27.65 -13.11 -5.23
N GLY C 248 -26.44 -13.17 -5.81
CA GLY C 248 -25.44 -12.13 -5.51
C GLY C 248 -24.21 -12.61 -4.76
N VAL C 249 -24.30 -13.79 -4.16
CA VAL C 249 -23.18 -14.36 -3.42
C VAL C 249 -21.97 -14.57 -4.35
N GLY C 250 -20.79 -14.18 -3.90
CA GLY C 250 -19.58 -14.32 -4.69
C GLY C 250 -19.36 -15.72 -5.22
N ALA C 251 -19.37 -16.70 -4.32
CA ALA C 251 -19.19 -18.08 -4.72
C ALA C 251 -19.73 -19.00 -3.66
N VAL C 252 -19.93 -20.27 -4.03
CA VAL C 252 -20.44 -21.24 -3.10
C VAL C 252 -19.47 -22.41 -3.06
N HIS C 253 -19.40 -23.09 -1.91
CA HIS C 253 -18.48 -24.22 -1.76
C HIS C 253 -19.10 -25.44 -1.06
N ILE C 254 -19.10 -26.58 -1.73
CA ILE C 254 -19.64 -27.81 -1.17
C ILE C 254 -18.45 -28.71 -0.82
N ILE C 255 -18.15 -28.85 0.46
CA ILE C 255 -17.01 -29.65 0.88
C ILE C 255 -17.33 -30.75 1.88
N ASN C 256 -16.36 -31.63 2.10
CA ASN C 256 -16.53 -32.74 3.02
C ASN C 256 -16.42 -32.32 4.48
N GLY C 257 -17.56 -32.18 5.15
CA GLY C 257 -17.55 -31.79 6.55
C GLY C 257 -16.65 -32.73 7.33
N GLY C 258 -16.52 -33.95 6.80
CA GLY C 258 -15.68 -34.95 7.45
C GLY C 258 -14.21 -34.63 7.33
N LEU C 259 -13.78 -34.16 6.17
CA LEU C 259 -12.39 -33.82 5.91
C LEU C 259 -11.81 -32.78 6.90
N GLU C 260 -10.99 -33.25 7.85
CA GLU C 260 -10.38 -32.39 8.86
C GLU C 260 -9.71 -31.19 8.21
N HIS C 261 -10.07 -29.99 8.67
CA HIS C 261 -9.52 -28.74 8.14
C HIS C 261 -9.94 -28.47 6.70
N ALA C 262 -11.11 -28.96 6.34
CA ALA C 262 -11.64 -28.75 4.98
C ALA C 262 -11.70 -27.26 4.64
N ILE C 263 -12.29 -26.45 5.53
CA ILE C 263 -12.41 -25.02 5.30
C ILE C 263 -11.06 -24.36 4.98
N LEU C 264 -10.09 -24.56 5.87
CA LEU C 264 -8.78 -23.99 5.68
C LEU C 264 -8.19 -24.31 4.31
N LEU C 265 -8.20 -25.58 3.93
CA LEU C 265 -7.64 -26.01 2.64
C LEU C 265 -8.38 -25.44 1.44
N GLU C 266 -9.70 -25.32 1.56
CA GLU C 266 -10.54 -24.83 0.49
C GLU C 266 -10.41 -23.32 0.18
N ILE C 267 -10.12 -22.52 1.21
CA ILE C 267 -10.02 -21.07 1.05
C ILE C 267 -8.65 -20.47 0.77
N PHE C 268 -7.60 -21.05 1.32
CA PHE C 268 -6.28 -20.48 1.12
C PHE C 268 -5.39 -21.15 0.08
N SER C 269 -5.93 -22.15 -0.60
CA SER C 269 -5.17 -22.84 -1.64
C SER C 269 -5.97 -22.59 -2.91
N ARG C 270 -5.29 -22.52 -4.04
CA ARG C 270 -5.99 -22.25 -5.29
C ARG C 270 -6.84 -23.36 -5.90
N LYS C 271 -6.61 -24.61 -5.49
CA LYS C 271 -7.36 -25.73 -6.05
C LYS C 271 -8.54 -26.21 -5.18
N GLY C 272 -8.55 -25.83 -3.90
CA GLY C 272 -9.63 -26.25 -3.03
C GLY C 272 -9.63 -27.76 -2.88
N ILE C 273 -10.53 -28.26 -2.03
CA ILE C 273 -10.64 -29.69 -1.80
C ILE C 273 -12.02 -30.20 -2.11
N GLY C 274 -12.89 -29.30 -2.58
CA GLY C 274 -14.26 -29.68 -2.90
C GLY C 274 -14.76 -28.99 -4.15
N THR C 275 -16.07 -29.01 -4.35
CA THR C 275 -16.66 -28.38 -5.52
C THR C 275 -17.06 -26.94 -5.24
N MET C 276 -16.66 -26.05 -6.15
CA MET C 276 -17.00 -24.62 -6.03
C MET C 276 -17.88 -24.22 -7.19
N ILE C 277 -19.00 -23.58 -6.86
CA ILE C 277 -19.96 -23.12 -7.86
C ILE C 277 -19.90 -21.60 -7.88
N LYS C 278 -19.67 -21.02 -9.06
CA LYS C 278 -19.62 -19.56 -9.17
C LYS C 278 -19.85 -19.08 -10.60
N GLU C 279 -20.01 -17.76 -10.77
CA GLU C 279 -20.24 -17.17 -12.09
C GLU C 279 -18.92 -16.93 -12.81
N LEU C 280 -18.99 -16.63 -14.11
CA LEU C 280 -17.79 -16.42 -14.91
C LEU C 280 -17.35 -14.96 -15.03
N GLU C 281 -16.10 -14.70 -14.66
CA GLU C 281 -15.52 -13.34 -14.72
C GLU C 281 -14.07 -13.22 -14.19
N GLY C 282 -13.30 -14.29 -14.37
CA GLY C 282 -11.91 -14.34 -13.96
C GLY C 282 -11.72 -13.88 -12.54
#